data_2EJL
#
_entry.id   2EJL
#
_cell.length_a   102.040
_cell.length_b   102.040
_cell.length_c   279.352
_cell.angle_alpha   90.00
_cell.angle_beta   90.00
_cell.angle_gamma   120.00
#
_symmetry.space_group_name_H-M   'H 3'
#
loop_
_entity.id
_entity.type
_entity.pdbx_description
1 polymer '1-pyrroline-5-carboxylate dehydrogenase'
2 non-polymer 'ACETATE ION'
3 non-polymer 'SODIUM ION'
4 non-polymer SERINE
5 non-polymer (4S)-2-METHYL-2,4-PENTANEDIOL
6 water water
#
_entity_poly.entity_id   1
_entity_poly.type   'polypeptide(L)'
_entity_poly.pdbx_seq_one_letter_code
;MTVEPFRNEPIETFQTEEARRAMREALRRVREEFGRHYPLYIGGEWVDTKERMVSLNPSAPSEVVGTTAKAGKAEAEAAL
EAAWKAFKTWKDWPQEDRSRLLLKAAALMRRRKRELEATLVYEVGKNWVEASADVAEAIDFIEYYARAALRYRYPAVEVV
PYPGEDNESFYVPLGAGVVIAPWNFPVAIFTGMIVGPVAVGNTVIAKPAEDAVVVGAKVFEIFHEAGFPPGVVNFLPGVG
EEVGAYLVEHPRIRFINFTGSLEVGLKIYEAAGRLAPGQTWFKRAYVETGGKDAIIVDETADFDLAAEGVVVSAYGFQGQ
K(CSO)SAASRLILTQGAYEPVLERVLKRAERLSVGPAEENPDLGPVVSAEQERKVLSYIEIGKNEGQLVLGGKRLEGEG
YFIAPTVFTEVPPKARIAQEEIFGPVLSVIRVKDFAEALEVANDTPYGLTGGVYSRKREHLEWARREFHVGNLYFNRKIT
GALVGVQPFGGFKLSGTNAKTGALDYLRLFLEMKAVAERF
;
_entity_poly.pdbx_strand_id   A,B
#
# COMPACT_ATOMS: atom_id res chain seq x y z
N MET A 1 24.21 12.86 -9.75
CA MET A 1 23.92 14.32 -9.71
C MET A 1 23.96 14.91 -8.29
N THR A 2 24.56 16.11 -8.17
CA THR A 2 24.77 16.73 -6.85
C THR A 2 24.26 18.15 -6.81
N VAL A 3 23.27 18.37 -5.94
CA VAL A 3 22.67 19.67 -5.74
C VAL A 3 22.79 20.04 -4.25
N GLU A 4 22.47 21.28 -3.91
CA GLU A 4 22.48 21.68 -2.50
C GLU A 4 21.49 20.83 -1.70
N PRO A 5 21.77 20.62 -0.40
CA PRO A 5 20.79 19.94 0.43
C PRO A 5 19.42 20.66 0.37
N PHE A 6 18.35 19.88 0.41
CA PHE A 6 17.01 20.44 0.43
C PHE A 6 16.81 21.50 1.50
N ARG A 7 16.22 22.62 1.13
CA ARG A 7 15.72 23.62 2.09
C ARG A 7 14.32 24.01 1.62
N ASN A 8 13.46 24.40 2.56
CA ASN A 8 12.12 24.83 2.19
C ASN A 8 12.16 26.21 1.57
N GLU A 9 11.27 26.44 0.61
CA GLU A 9 11.17 27.73 -0.04
C GLU A 9 10.55 28.73 0.95
N PRO A 10 11.21 29.87 1.18
CA PRO A 10 10.70 30.86 2.12
C PRO A 10 9.30 31.33 1.75
N ILE A 11 8.44 31.46 2.75
CA ILE A 11 7.09 31.99 2.54
C ILE A 11 7.14 33.50 2.68
N GLU A 12 6.72 34.18 1.62
CA GLU A 12 6.76 35.63 1.58
C GLU A 12 5.70 36.22 2.52
N THR A 13 6.12 37.14 3.38
CA THR A 13 5.23 37.86 4.29
C THR A 13 4.76 39.22 3.75
N PHE A 14 5.44 39.74 2.73
CA PHE A 14 5.09 41.04 2.09
C PHE A 14 5.23 42.23 3.02
N GLN A 15 6.26 42.18 3.86
CA GLN A 15 6.56 43.27 4.78
C GLN A 15 7.52 44.31 4.19
N THR A 16 8.29 43.93 3.18
CA THR A 16 9.20 44.84 2.50
C THR A 16 8.49 45.55 1.36
N GLU A 17 8.96 46.74 0.99
CA GLU A 17 8.34 47.48 -0.10
C GLU A 17 8.54 46.75 -1.43
N GLU A 18 9.71 46.15 -1.58
CA GLU A 18 10.04 45.35 -2.77
C GLU A 18 8.99 44.26 -2.98
N ALA A 19 8.67 43.52 -1.91
CA ALA A 19 7.68 42.43 -1.98
C ALA A 19 6.28 42.93 -2.33
N ARG A 20 5.86 44.02 -1.69
CA ARG A 20 4.56 44.63 -1.97
C ARG A 20 4.47 45.14 -3.42
N ARG A 21 5.52 45.82 -3.86
CA ARG A 21 5.61 46.30 -5.25
C ARG A 21 5.44 45.14 -6.25
N ALA A 22 6.25 44.09 -6.08
CA ALA A 22 6.18 42.92 -6.94
C ALA A 22 4.81 42.21 -6.92
N MET A 23 4.19 42.10 -5.75
CA MET A 23 2.88 41.46 -5.61
C MET A 23 1.79 42.32 -6.26
N ARG A 24 1.86 43.64 -6.05
CA ARG A 24 0.89 44.53 -6.65
C ARG A 24 0.95 44.44 -8.18
N GLU A 25 2.16 44.41 -8.74
CA GLU A 25 2.32 44.26 -10.17
C GLU A 25 1.79 42.90 -10.66
N ALA A 26 2.10 41.82 -9.92
CA ALA A 26 1.60 40.49 -10.28
C ALA A 26 0.07 40.43 -10.27
N LEU A 27 -0.54 41.00 -9.23
CA LEU A 27 -1.98 41.03 -9.15
C LEU A 27 -2.60 41.82 -10.30
N ARG A 28 -2.01 42.96 -10.65
CA ARG A 28 -2.52 43.78 -11.73
C ARG A 28 -2.45 43.02 -13.05
N ARG A 29 -1.35 42.34 -13.28
CA ARG A 29 -1.21 41.58 -14.54
C ARG A 29 -2.17 40.41 -14.65
N VAL A 30 -2.36 39.66 -13.56
CA VAL A 30 -3.35 38.58 -13.54
C VAL A 30 -4.78 39.12 -13.77
N ARG A 31 -5.12 40.22 -13.10
CA ARG A 31 -6.41 40.85 -13.24
C ARG A 31 -6.62 41.33 -14.68
N GLU A 32 -5.58 41.89 -15.28
CA GLU A 32 -5.67 42.42 -16.65
C GLU A 32 -5.87 41.28 -17.64
N GLU A 33 -5.50 40.07 -17.24
CA GLU A 33 -5.53 38.86 -18.06
C GLU A 33 -6.83 38.06 -17.83
N PHE A 34 -7.73 38.58 -17.00
CA PHE A 34 -9.02 37.93 -16.76
C PHE A 34 -9.71 37.64 -18.09
N GLY A 35 -10.27 36.43 -18.21
CA GLY A 35 -11.02 36.05 -19.39
C GLY A 35 -10.25 35.17 -20.34
N ARG A 36 -8.96 34.98 -20.07
CA ARG A 36 -8.10 34.13 -20.88
C ARG A 36 -8.64 32.69 -20.94
N HIS A 37 -8.41 32.03 -22.07
CA HIS A 37 -8.88 30.65 -22.26
C HIS A 37 -7.71 29.67 -22.30
N TYR A 38 -7.84 28.57 -21.55
CA TYR A 38 -6.78 27.56 -21.45
C TYR A 38 -7.29 26.20 -21.91
N PRO A 39 -6.69 25.63 -22.96
CA PRO A 39 -7.07 24.30 -23.43
C PRO A 39 -6.65 23.15 -22.49
N LEU A 40 -7.06 21.94 -22.85
CA LEU A 40 -6.52 20.73 -22.24
C LEU A 40 -5.07 20.58 -22.65
N TYR A 41 -4.33 19.74 -21.94
CA TYR A 41 -2.97 19.40 -22.35
C TYR A 41 -2.85 17.89 -22.42
N ILE A 42 -2.68 17.40 -23.65
CA ILE A 42 -2.68 15.97 -23.93
C ILE A 42 -1.54 15.65 -24.89
N GLY A 43 -0.69 14.70 -24.53
CA GLY A 43 0.34 14.22 -25.45
C GLY A 43 1.26 15.34 -25.91
N GLY A 44 1.59 16.26 -25.01
CA GLY A 44 2.60 17.28 -25.28
C GLY A 44 2.10 18.50 -26.03
N GLU A 45 0.77 18.57 -26.24
CA GLU A 45 0.18 19.73 -26.90
C GLU A 45 -1.10 20.22 -26.24
N TRP A 46 -1.38 21.51 -26.45
CA TRP A 46 -2.61 22.10 -25.96
C TRP A 46 -3.74 21.72 -26.93
N VAL A 47 -4.83 21.16 -26.38
CA VAL A 47 -5.92 20.64 -27.20
C VAL A 47 -7.22 21.28 -26.74
N ASP A 48 -7.90 22.02 -27.63
CA ASP A 48 -9.12 22.70 -27.25
C ASP A 48 -10.35 21.83 -27.52
N THR A 49 -11.47 22.19 -26.88
CA THR A 49 -12.74 21.50 -27.05
C THR A 49 -13.82 22.52 -27.41
N LYS A 50 -14.95 22.05 -27.94
CA LYS A 50 -16.08 22.92 -28.26
C LYS A 50 -16.71 23.47 -26.99
N GLU A 51 -16.96 22.59 -26.02
CA GLU A 51 -17.49 23.00 -24.71
C GLU A 51 -16.41 23.66 -23.86
N ARG A 52 -16.83 24.45 -22.90
CA ARG A 52 -15.90 25.19 -22.04
C ARG A 52 -16.38 25.26 -20.59
N MET A 53 -15.43 25.50 -19.69
CA MET A 53 -15.71 25.64 -18.27
C MET A 53 -15.32 27.04 -17.82
N VAL A 54 -16.10 27.60 -16.91
CA VAL A 54 -15.88 28.95 -16.43
C VAL A 54 -15.33 28.94 -15.01
N SER A 55 -14.29 29.74 -14.78
CA SER A 55 -13.77 29.89 -13.44
C SER A 55 -14.04 31.30 -12.94
N LEU A 56 -14.80 31.39 -11.85
CA LEU A 56 -15.23 32.67 -11.26
C LEU A 56 -14.33 33.13 -10.11
N ASN A 57 -14.32 34.44 -9.89
CA ASN A 57 -13.65 35.06 -8.75
C ASN A 57 -14.57 34.99 -7.51
N PRO A 58 -14.20 34.18 -6.51
CA PRO A 58 -15.11 34.05 -5.36
C PRO A 58 -15.29 35.32 -4.54
N SER A 59 -14.39 36.31 -4.73
CA SER A 59 -14.53 37.62 -4.08
C SER A 59 -15.51 38.53 -4.81
N ALA A 60 -15.78 38.19 -6.06
CA ALA A 60 -16.65 39.00 -6.94
C ALA A 60 -17.10 38.09 -8.08
N PRO A 61 -18.07 37.19 -7.81
CA PRO A 61 -18.34 36.10 -8.77
C PRO A 61 -18.95 36.45 -10.12
N SER A 62 -19.23 37.75 -10.35
CA SER A 62 -19.57 38.22 -11.70
C SER A 62 -18.33 38.26 -12.61
N GLU A 63 -17.14 38.20 -12.00
CA GLU A 63 -15.87 38.27 -12.72
C GLU A 63 -15.37 36.89 -13.10
N VAL A 64 -15.12 36.71 -14.39
CA VAL A 64 -14.58 35.46 -14.93
C VAL A 64 -13.06 35.57 -14.97
N VAL A 65 -12.41 34.77 -14.12
CA VAL A 65 -10.96 34.73 -14.04
C VAL A 65 -10.43 34.16 -15.35
N GLY A 66 -11.06 33.09 -15.81
CA GLY A 66 -10.71 32.50 -17.10
C GLY A 66 -11.67 31.38 -17.46
N THR A 67 -11.48 30.83 -18.65
CA THR A 67 -12.24 29.65 -19.03
C THR A 67 -11.25 28.60 -19.42
N THR A 68 -11.69 27.34 -19.38
CA THR A 68 -10.86 26.27 -19.90
C THR A 68 -11.65 25.38 -20.84
N ALA A 69 -10.94 24.59 -21.63
CA ALA A 69 -11.56 23.47 -22.34
C ALA A 69 -12.19 22.50 -21.33
N LYS A 70 -13.08 21.63 -21.80
CA LYS A 70 -13.77 20.68 -20.95
C LYS A 70 -13.59 19.27 -21.50
N ALA A 71 -12.92 18.42 -20.74
CA ALA A 71 -12.69 17.05 -21.15
C ALA A 71 -13.91 16.18 -20.89
N GLY A 72 -14.16 15.26 -21.84
CA GLY A 72 -15.12 14.18 -21.66
C GLY A 72 -14.38 12.85 -21.79
N LYS A 73 -15.12 11.77 -21.94
CA LYS A 73 -14.56 10.41 -22.01
C LYS A 73 -13.54 10.23 -23.13
N ALA A 74 -13.84 10.82 -24.29
CA ALA A 74 -12.96 10.71 -25.45
C ALA A 74 -11.58 11.31 -25.19
N GLU A 75 -11.56 12.49 -24.56
CA GLU A 75 -10.30 13.14 -24.21
C GLU A 75 -9.57 12.35 -23.13
N ALA A 76 -10.34 11.76 -22.22
CA ALA A 76 -9.76 10.92 -21.17
C ALA A 76 -9.07 9.72 -21.77
N GLU A 77 -9.73 9.08 -22.74
CA GLU A 77 -9.14 7.94 -23.47
C GLU A 77 -7.87 8.35 -24.24
N ALA A 78 -7.91 9.50 -24.92
CA ALA A 78 -6.75 10.01 -25.64
C ALA A 78 -5.55 10.24 -24.72
N ALA A 79 -5.84 10.81 -23.56
CA ALA A 79 -4.79 11.09 -22.58
C ALA A 79 -4.23 9.78 -22.04
N LEU A 80 -5.09 8.80 -21.82
CA LEU A 80 -4.63 7.50 -21.32
C LEU A 80 -3.74 6.80 -22.33
N GLU A 81 -4.15 6.80 -23.59
CA GLU A 81 -3.30 6.28 -24.67
C GLU A 81 -1.95 7.01 -24.73
N ALA A 82 -1.98 8.34 -24.62
CA ALA A 82 -0.73 9.12 -24.63
C ALA A 82 0.17 8.79 -23.42
N ALA A 83 -0.46 8.62 -22.26
CA ALA A 83 0.28 8.34 -21.03
C ALA A 83 0.94 6.97 -21.07
N TRP A 84 0.26 5.99 -21.64
CA TRP A 84 0.84 4.64 -21.75
C TRP A 84 1.96 4.61 -22.79
N LYS A 85 1.75 5.28 -23.92
CA LYS A 85 2.81 5.38 -24.93
C LYS A 85 4.05 6.05 -24.32
N ALA A 86 3.84 7.11 -23.55
CA ALA A 86 4.95 7.82 -22.94
C ALA A 86 5.66 6.95 -21.91
N PHE A 87 4.88 6.20 -21.14
CA PHE A 87 5.45 5.37 -20.11
C PHE A 87 6.51 4.41 -20.64
N LYS A 88 6.28 3.85 -21.83
CA LYS A 88 7.20 2.86 -22.37
C LYS A 88 8.64 3.36 -22.42
N THR A 89 8.84 4.65 -22.71
CA THR A 89 10.19 5.20 -22.72
C THR A 89 10.57 6.01 -21.48
N TRP A 90 9.59 6.72 -20.90
CA TRP A 90 9.84 7.52 -19.70
C TRP A 90 10.34 6.66 -18.52
N LYS A 91 9.82 5.45 -18.42
CA LYS A 91 10.24 4.55 -17.34
C LYS A 91 11.73 4.22 -17.46
N ASP A 92 12.27 4.33 -18.68
CA ASP A 92 13.66 3.96 -18.96
C ASP A 92 14.65 5.11 -18.81
N TRP A 93 14.17 6.34 -18.64
CA TRP A 93 15.08 7.44 -18.36
C TRP A 93 15.93 7.14 -17.10
N PRO A 94 17.24 7.46 -17.13
CA PRO A 94 17.99 7.43 -15.87
C PRO A 94 17.29 8.30 -14.84
N GLN A 95 17.28 7.85 -13.59
CA GLN A 95 16.68 8.67 -12.55
C GLN A 95 17.28 10.08 -12.50
N GLU A 96 18.59 10.18 -12.67
CA GLU A 96 19.24 11.48 -12.68
C GLU A 96 18.63 12.44 -13.71
N ASP A 97 18.28 11.89 -14.88
CA ASP A 97 17.67 12.68 -15.95
C ASP A 97 16.26 13.12 -15.56
N ARG A 98 15.48 12.21 -14.98
CA ARG A 98 14.13 12.60 -14.53
C ARG A 98 14.19 13.66 -13.42
N SER A 99 15.11 13.46 -12.47
CA SER A 99 15.24 14.39 -11.34
C SER A 99 15.66 15.79 -11.81
N ARG A 100 16.57 15.86 -12.81
CA ARG A 100 16.96 17.15 -13.36
C ARG A 100 15.77 17.85 -14.03
N LEU A 101 14.89 17.07 -14.65
CA LEU A 101 13.70 17.65 -15.26
C LEU A 101 12.82 18.30 -14.19
N LEU A 102 12.62 17.59 -13.08
CA LEU A 102 11.91 18.20 -11.95
C LEU A 102 12.58 19.48 -11.46
N LEU A 103 13.90 19.46 -11.31
CA LEU A 103 14.59 20.64 -10.79
C LEU A 103 14.43 21.83 -11.73
N LYS A 104 14.43 21.56 -13.03
CA LYS A 104 14.13 22.60 -14.00
C LYS A 104 12.71 23.17 -13.79
N ALA A 105 11.73 22.28 -13.64
CA ALA A 105 10.35 22.69 -13.39
C ALA A 105 10.26 23.54 -12.11
N ALA A 106 11.00 23.15 -11.07
CA ALA A 106 10.99 23.95 -9.83
C ALA A 106 11.55 25.38 -10.06
N ALA A 107 12.63 25.45 -10.86
CA ALA A 107 13.24 26.74 -11.16
C ALA A 107 12.30 27.66 -11.94
N LEU A 108 11.57 27.08 -12.90
CA LEU A 108 10.59 27.85 -13.67
C LEU A 108 9.42 28.31 -12.79
N MET A 109 8.98 27.44 -11.89
CA MET A 109 7.89 27.80 -10.96
C MET A 109 8.34 28.91 -10.03
N ARG A 110 9.58 28.83 -9.53
CA ARG A 110 10.12 29.85 -8.65
C ARG A 110 10.12 31.21 -9.35
N ARG A 111 10.49 31.22 -10.64
CA ARG A 111 10.55 32.51 -11.38
C ARG A 111 9.16 33.09 -11.62
N ARG A 112 8.12 32.25 -11.53
CA ARG A 112 6.73 32.66 -11.74
C ARG A 112 5.92 32.72 -10.44
N LYS A 113 6.61 32.73 -9.30
CA LYS A 113 5.96 32.71 -7.97
C LYS A 113 4.86 33.75 -7.82
N ARG A 114 5.17 35.01 -8.11
CA ARG A 114 4.21 36.09 -7.85
C ARG A 114 2.95 35.95 -8.70
N GLU A 115 3.14 35.63 -9.97
CA GLU A 115 2.02 35.34 -10.87
C GLU A 115 1.11 34.22 -10.34
N LEU A 116 1.74 33.13 -9.92
CA LEU A 116 0.95 32.00 -9.42
C LEU A 116 0.21 32.36 -8.12
N GLU A 117 0.87 33.08 -7.23
CA GLU A 117 0.20 33.54 -6.01
C GLU A 117 -0.99 34.45 -6.34
N ALA A 118 -0.77 35.45 -7.20
CA ALA A 118 -1.84 36.34 -7.62
C ALA A 118 -3.00 35.58 -8.26
N THR A 119 -2.71 34.51 -8.97
CA THR A 119 -3.76 33.70 -9.60
C THR A 119 -4.57 32.96 -8.54
N LEU A 120 -3.88 32.49 -7.49
CA LEU A 120 -4.57 31.92 -6.33
C LEU A 120 -5.46 32.92 -5.61
N VAL A 121 -4.95 34.15 -5.45
CA VAL A 121 -5.72 35.20 -4.80
C VAL A 121 -7.07 35.37 -5.52
N TYR A 122 -7.01 35.57 -6.84
CA TYR A 122 -8.24 35.77 -7.63
C TYR A 122 -9.11 34.53 -7.87
N GLU A 123 -8.48 33.37 -8.11
CA GLU A 123 -9.27 32.20 -8.48
C GLU A 123 -9.88 31.45 -7.29
N VAL A 124 -9.14 31.37 -6.18
CA VAL A 124 -9.66 30.65 -5.01
C VAL A 124 -9.75 31.49 -3.70
N GLY A 125 -9.48 32.78 -3.79
CA GLY A 125 -9.77 33.68 -2.67
C GLY A 125 -8.85 33.52 -1.49
N LYS A 126 -7.60 33.16 -1.77
CA LYS A 126 -6.55 33.17 -0.77
C LYS A 126 -6.04 34.58 -0.56
N ASN A 127 -5.79 34.95 0.70
CA ASN A 127 -5.07 36.18 0.96
C ASN A 127 -3.61 36.01 0.52
N TRP A 128 -2.82 37.07 0.65
CA TRP A 128 -1.49 37.04 0.03
C TRP A 128 -0.55 35.99 0.62
N VAL A 129 -0.52 35.89 1.95
CA VAL A 129 0.40 34.94 2.60
C VAL A 129 -0.07 33.49 2.41
N GLU A 130 -1.38 33.26 2.47
CA GLU A 130 -1.91 31.92 2.16
C GLU A 130 -1.51 31.52 0.72
N ALA A 131 -1.59 32.46 -0.21
CA ALA A 131 -1.20 32.19 -1.59
C ALA A 131 0.30 31.88 -1.67
N SER A 132 1.13 32.69 -1.02
CA SER A 132 2.58 32.45 -1.03
C SER A 132 2.96 31.08 -0.45
N ALA A 133 2.28 30.69 0.63
CA ALA A 133 2.59 29.42 1.26
C ALA A 133 2.25 28.26 0.35
N ASP A 134 1.17 28.40 -0.43
CA ASP A 134 0.69 27.36 -1.35
C ASP A 134 1.74 27.17 -2.46
N VAL A 135 2.14 28.26 -3.12
CA VAL A 135 3.15 28.14 -4.18
C VAL A 135 4.51 27.65 -3.66
N ALA A 136 4.92 28.14 -2.49
CA ALA A 136 6.17 27.70 -1.88
C ALA A 136 6.14 26.19 -1.63
N GLU A 137 5.00 25.66 -1.18
CA GLU A 137 4.89 24.24 -0.89
C GLU A 137 4.96 23.43 -2.18
N ALA A 138 4.36 23.96 -3.25
CA ALA A 138 4.50 23.34 -4.57
C ALA A 138 5.96 23.21 -5.01
N ILE A 139 6.72 24.31 -4.88
CA ILE A 139 8.14 24.31 -5.21
C ILE A 139 8.85 23.27 -4.35
N ASP A 140 8.50 23.25 -3.06
CA ASP A 140 9.10 22.29 -2.14
C ASP A 140 8.86 20.84 -2.58
N PHE A 141 7.64 20.52 -3.01
CA PHE A 141 7.34 19.15 -3.43
C PHE A 141 8.25 18.73 -4.60
N ILE A 142 8.46 19.67 -5.52
CA ILE A 142 9.24 19.34 -6.70
C ILE A 142 10.71 19.14 -6.28
N GLU A 143 11.21 20.05 -5.46
CA GLU A 143 12.62 19.99 -5.01
C GLU A 143 12.87 18.75 -4.18
N TYR A 144 11.90 18.41 -3.32
CA TYR A 144 12.03 17.28 -2.39
C TYR A 144 11.94 15.97 -3.15
N TYR A 145 10.91 15.83 -3.98
CA TYR A 145 10.74 14.56 -4.71
C TYR A 145 11.85 14.31 -5.73
N ALA A 146 12.40 15.38 -6.32
CA ALA A 146 13.54 15.24 -7.21
C ALA A 146 14.72 14.53 -6.52
N ARG A 147 15.01 14.96 -5.30
CA ARG A 147 16.06 14.37 -4.49
C ARG A 147 15.69 12.99 -3.95
N ALA A 148 14.49 12.88 -3.40
CA ALA A 148 14.06 11.63 -2.81
C ALA A 148 14.07 10.49 -3.82
N ALA A 149 13.74 10.80 -5.07
CA ALA A 149 13.66 9.79 -6.13
C ALA A 149 15.01 9.12 -6.34
N LEU A 150 16.10 9.86 -6.12
CA LEU A 150 17.43 9.27 -6.26
C LEU A 150 17.73 8.20 -5.23
N ARG A 151 17.05 8.23 -4.09
CA ARG A 151 17.26 7.20 -3.05
C ARG A 151 16.72 5.83 -3.48
N TYR A 152 15.91 5.81 -4.54
CA TYR A 152 15.31 4.57 -5.05
C TYR A 152 15.99 4.05 -6.32
N ARG A 153 17.10 4.68 -6.74
CA ARG A 153 17.68 4.42 -8.06
C ARG A 153 18.30 3.03 -8.20
N TYR A 154 18.33 2.53 -9.44
CA TYR A 154 18.83 1.18 -9.73
C TYR A 154 20.24 0.89 -9.21
N PRO A 155 20.45 -0.26 -8.52
CA PRO A 155 19.51 -1.19 -7.87
C PRO A 155 19.51 -0.94 -6.36
N ALA A 156 18.38 -0.46 -5.85
CA ALA A 156 18.39 0.18 -4.54
C ALA A 156 18.15 -0.76 -3.37
N VAL A 157 17.81 -2.02 -3.63
CA VAL A 157 17.32 -2.87 -2.54
C VAL A 157 18.44 -3.64 -1.83
N GLU A 158 18.37 -3.66 -0.51
CA GLU A 158 19.36 -4.36 0.31
C GLU A 158 18.95 -5.82 0.46
N VAL A 159 19.76 -6.71 -0.12
CA VAL A 159 19.46 -8.15 -0.08
C VAL A 159 20.63 -8.92 0.51
N VAL A 160 20.31 -10.13 0.94
CA VAL A 160 21.28 -11.08 1.46
C VAL A 160 21.92 -11.82 0.29
N PRO A 161 23.28 -11.86 0.23
CA PRO A 161 23.95 -12.57 -0.87
C PRO A 161 23.88 -14.08 -0.73
N TYR A 162 24.14 -14.76 -1.84
CA TYR A 162 24.10 -16.21 -1.91
C TYR A 162 25.28 -16.68 -2.77
N PRO A 163 25.96 -17.75 -2.34
CA PRO A 163 27.12 -18.26 -3.07
C PRO A 163 26.84 -18.59 -4.53
N GLY A 164 27.74 -18.17 -5.42
CA GLY A 164 27.67 -18.54 -6.84
C GLY A 164 26.61 -17.79 -7.63
N GLU A 165 26.02 -16.75 -7.03
CA GLU A 165 24.92 -16.01 -7.65
C GLU A 165 25.06 -14.52 -7.48
N ASP A 166 24.54 -13.78 -8.45
CA ASP A 166 24.24 -12.36 -8.26
C ASP A 166 22.74 -12.27 -8.00
N ASN A 167 22.38 -11.57 -6.92
CA ASN A 167 20.99 -11.32 -6.60
C ASN A 167 20.75 -9.83 -6.59
N GLU A 168 19.88 -9.35 -7.49
CA GLU A 168 19.72 -7.92 -7.66
C GLU A 168 18.24 -7.58 -7.57
N SER A 169 17.87 -6.80 -6.56
CA SER A 169 16.50 -6.32 -6.46
C SER A 169 16.45 -4.81 -6.72
N PHE A 170 15.39 -4.39 -7.42
CA PHE A 170 15.32 -2.99 -7.83
C PHE A 170 13.87 -2.59 -8.04
N TYR A 171 13.64 -1.29 -7.94
CA TYR A 171 12.32 -0.72 -8.17
C TYR A 171 12.06 -0.32 -9.63
N VAL A 172 10.79 -0.49 -10.02
CA VAL A 172 10.28 -0.03 -11.30
C VAL A 172 8.96 0.71 -11.09
N PRO A 173 8.69 1.73 -11.92
CA PRO A 173 7.42 2.44 -11.85
C PRO A 173 6.24 1.56 -12.26
N LEU A 174 5.05 1.97 -11.85
CA LEU A 174 3.82 1.18 -12.08
C LEU A 174 3.23 1.30 -13.48
N GLY A 175 3.14 2.52 -13.98
CA GLY A 175 2.49 2.75 -15.28
C GLY A 175 1.85 4.11 -15.32
N ALA A 176 0.70 4.18 -15.99
CA ALA A 176 -0.07 5.42 -16.15
C ALA A 176 -1.19 5.45 -15.15
N GLY A 177 -1.30 6.55 -14.41
CA GLY A 177 -2.34 6.69 -13.38
C GLY A 177 -3.06 8.02 -13.45
N VAL A 178 -4.06 8.18 -12.60
CA VAL A 178 -4.86 9.42 -12.58
C VAL A 178 -4.70 10.13 -11.24
N VAL A 179 -4.55 11.45 -11.34
CA VAL A 179 -4.51 12.36 -10.19
C VAL A 179 -5.80 13.16 -10.14
N ILE A 180 -6.46 13.15 -8.98
CA ILE A 180 -7.68 13.93 -8.77
C ILE A 180 -7.39 14.90 -7.64
N ALA A 181 -7.25 16.19 -8.00
CA ALA A 181 -6.68 17.20 -7.12
C ALA A 181 -7.74 18.10 -6.50
N PRO A 182 -7.43 18.71 -5.34
CA PRO A 182 -8.38 19.55 -4.62
C PRO A 182 -8.29 21.01 -5.03
N TRP A 183 -9.36 21.76 -4.74
CA TRP A 183 -9.39 23.20 -4.98
C TRP A 183 -8.70 24.03 -3.91
N ASN A 184 -8.51 23.47 -2.71
CA ASN A 184 -7.99 24.29 -1.61
C ASN A 184 -6.47 24.52 -1.59
N PHE A 185 -5.70 23.61 -2.19
CA PHE A 185 -4.27 23.83 -2.44
C PHE A 185 -3.99 23.42 -3.87
N PRO A 186 -4.50 24.24 -4.82
CA PRO A 186 -4.50 23.84 -6.22
C PRO A 186 -3.23 24.10 -6.99
N VAL A 187 -2.22 24.67 -6.33
CA VAL A 187 -0.87 24.65 -6.87
C VAL A 187 -0.07 23.60 -6.09
N ALA A 188 -0.02 23.72 -4.77
CA ALA A 188 0.76 22.79 -3.95
C ALA A 188 0.41 21.30 -4.11
N ILE A 189 -0.83 20.94 -3.80
CA ILE A 189 -1.20 19.52 -3.78
C ILE A 189 -1.37 18.98 -5.20
N PHE A 190 -1.94 19.80 -6.08
CA PHE A 190 -1.94 19.50 -7.51
C PHE A 190 -0.54 19.09 -8.00
N THR A 191 0.46 19.93 -7.70
CA THR A 191 1.84 19.68 -8.12
C THR A 191 2.42 18.44 -7.46
N GLY A 192 2.33 18.35 -6.12
CA GLY A 192 2.88 17.20 -5.39
C GLY A 192 2.37 15.87 -5.89
N MET A 193 1.04 15.78 -6.04
CA MET A 193 0.39 14.52 -6.42
C MET A 193 0.77 14.07 -7.82
N ILE A 194 1.15 15.02 -8.68
CA ILE A 194 1.59 14.70 -10.04
C ILE A 194 3.09 14.37 -10.06
N VAL A 195 3.92 15.23 -9.47
CA VAL A 195 5.37 15.08 -9.70
C VAL A 195 6.02 13.94 -8.92
N GLY A 196 5.39 13.54 -7.81
CA GLY A 196 5.90 12.41 -7.03
C GLY A 196 5.90 11.15 -7.87
N PRO A 197 4.73 10.73 -8.37
CA PRO A 197 4.68 9.54 -9.27
C PRO A 197 5.53 9.71 -10.53
N VAL A 198 5.48 10.89 -11.13
CA VAL A 198 6.24 11.13 -12.38
C VAL A 198 7.75 11.05 -12.15
N ALA A 199 8.21 11.52 -10.98
CA ALA A 199 9.65 11.56 -10.71
C ALA A 199 10.28 10.19 -10.90
N VAL A 200 9.57 9.15 -10.48
CA VAL A 200 10.15 7.81 -10.45
C VAL A 200 9.77 6.97 -11.66
N GLY A 201 9.15 7.62 -12.66
CA GLY A 201 8.94 6.98 -13.96
C GLY A 201 7.51 6.64 -14.33
N ASN A 202 6.54 7.01 -13.49
CA ASN A 202 5.13 6.87 -13.88
C ASN A 202 4.73 8.01 -14.81
N THR A 203 3.56 7.85 -15.45
CA THR A 203 2.96 8.94 -16.21
C THR A 203 1.58 9.21 -15.62
N VAL A 204 1.08 10.43 -15.82
CA VAL A 204 -0.07 10.90 -15.06
C VAL A 204 -1.08 11.65 -15.91
N ILE A 205 -2.35 11.36 -15.66
CA ILE A 205 -3.45 12.19 -16.16
C ILE A 205 -4.03 12.93 -14.95
N ALA A 206 -3.98 14.26 -14.99
CA ALA A 206 -4.44 15.06 -13.84
C ALA A 206 -5.75 15.78 -14.10
N LYS A 207 -6.70 15.56 -13.20
CA LYS A 207 -7.96 16.31 -13.22
C LYS A 207 -7.93 17.35 -12.11
N PRO A 208 -7.82 18.65 -12.49
CA PRO A 208 -7.86 19.71 -11.46
C PRO A 208 -9.27 19.81 -10.91
N ALA A 209 -9.39 20.37 -9.71
CA ALA A 209 -10.71 20.66 -9.16
C ALA A 209 -11.38 21.77 -10.00
N GLU A 210 -12.70 21.68 -10.15
CA GLU A 210 -13.45 22.62 -10.99
C GLU A 210 -13.18 24.09 -10.68
N ASP A 211 -13.06 24.39 -9.39
CA ASP A 211 -12.93 25.78 -8.90
C ASP A 211 -11.54 26.36 -9.11
N ALA A 212 -10.61 25.52 -9.56
CA ALA A 212 -9.19 25.89 -9.62
C ALA A 212 -8.51 25.46 -10.93
N VAL A 213 -9.29 25.45 -12.01
CA VAL A 213 -8.81 25.03 -13.33
C VAL A 213 -7.76 25.99 -13.97
N VAL A 214 -7.88 27.29 -13.72
CA VAL A 214 -6.96 28.23 -14.37
C VAL A 214 -5.55 28.07 -13.82
N VAL A 215 -5.44 28.03 -12.49
CA VAL A 215 -4.13 27.84 -11.89
C VAL A 215 -3.49 26.47 -12.22
N GLY A 216 -4.33 25.43 -12.38
CA GLY A 216 -3.86 24.13 -12.87
C GLY A 216 -3.25 24.26 -14.25
N ALA A 217 -3.89 25.06 -15.10
CA ALA A 217 -3.38 25.30 -16.45
C ALA A 217 -2.02 26.00 -16.42
N LYS A 218 -1.88 26.99 -15.53
CA LYS A 218 -0.60 27.69 -15.39
C LYS A 218 0.52 26.76 -14.90
N VAL A 219 0.19 25.82 -14.01
CA VAL A 219 1.17 24.81 -13.61
C VAL A 219 1.58 23.97 -14.84
N PHE A 220 0.62 23.61 -15.70
CA PHE A 220 0.95 22.87 -16.91
C PHE A 220 1.77 23.64 -17.94
N GLU A 221 1.58 24.96 -18.01
CA GLU A 221 2.48 25.79 -18.81
C GLU A 221 3.94 25.61 -18.35
N ILE A 222 4.12 25.54 -17.03
CA ILE A 222 5.43 25.27 -16.45
C ILE A 222 5.98 23.90 -16.84
N PHE A 223 5.14 22.87 -16.72
CA PHE A 223 5.54 21.50 -17.12
C PHE A 223 5.93 21.47 -18.58
N HIS A 224 5.14 22.16 -19.41
CA HIS A 224 5.41 22.18 -20.85
C HIS A 224 6.73 22.87 -21.16
N GLU A 225 6.97 24.03 -20.55
CA GLU A 225 8.20 24.78 -20.76
C GLU A 225 9.42 24.00 -20.28
N ALA A 226 9.25 23.24 -19.19
CA ALA A 226 10.36 22.45 -18.61
C ALA A 226 10.82 21.34 -19.54
N GLY A 227 9.89 20.82 -20.35
CA GLY A 227 10.18 19.85 -21.40
C GLY A 227 9.86 18.41 -21.05
N PHE A 228 8.87 18.19 -20.17
CA PHE A 228 8.39 16.82 -19.97
C PHE A 228 7.99 16.22 -21.32
N PRO A 229 8.51 15.02 -21.64
CA PRO A 229 8.16 14.42 -22.93
C PRO A 229 6.65 14.26 -23.14
N PRO A 230 6.19 14.26 -24.40
CA PRO A 230 4.74 14.16 -24.63
C PRO A 230 4.12 12.93 -23.95
N GLY A 231 2.95 13.12 -23.34
CA GLY A 231 2.25 12.02 -22.68
C GLY A 231 2.62 11.82 -21.20
N VAL A 232 3.74 12.37 -20.76
CA VAL A 232 4.18 12.13 -19.37
C VAL A 232 3.26 12.78 -18.34
N VAL A 233 2.85 14.02 -18.59
CA VAL A 233 1.82 14.68 -17.79
C VAL A 233 0.70 15.20 -18.69
N ASN A 234 -0.55 15.00 -18.27
CA ASN A 234 -1.71 15.39 -19.06
C ASN A 234 -2.73 16.10 -18.16
N PHE A 235 -3.40 17.10 -18.72
CA PHE A 235 -4.26 18.05 -17.97
C PHE A 235 -5.69 17.99 -18.52
N LEU A 236 -6.60 17.47 -17.70
CA LEU A 236 -8.00 17.27 -18.08
C LEU A 236 -9.03 17.92 -17.15
N PRO A 237 -9.16 19.25 -17.21
CA PRO A 237 -10.30 19.86 -16.51
C PRO A 237 -11.61 19.28 -17.03
N GLY A 238 -12.55 19.05 -16.12
CA GLY A 238 -13.86 18.50 -16.44
C GLY A 238 -14.91 18.93 -15.42
N VAL A 239 -16.18 18.80 -15.81
CA VAL A 239 -17.31 19.16 -14.95
C VAL A 239 -17.95 17.90 -14.39
N GLY A 240 -18.12 17.85 -13.07
CA GLY A 240 -18.80 16.71 -12.44
C GLY A 240 -18.00 15.43 -12.51
N GLU A 241 -18.70 14.29 -12.39
CA GLU A 241 -18.04 12.97 -12.25
C GLU A 241 -17.46 12.33 -13.51
N GLU A 242 -17.85 12.81 -14.69
CA GLU A 242 -17.56 12.09 -15.93
C GLU A 242 -16.11 11.59 -16.09
N VAL A 243 -15.15 12.51 -16.09
CA VAL A 243 -13.75 12.17 -16.37
C VAL A 243 -13.16 11.31 -15.24
N GLY A 244 -13.42 11.69 -14.00
CA GLY A 244 -12.92 10.98 -12.84
C GLY A 244 -13.48 9.57 -12.75
N ALA A 245 -14.78 9.42 -12.93
CA ALA A 245 -15.41 8.10 -12.89
C ALA A 245 -14.85 7.19 -13.97
N TYR A 246 -14.71 7.74 -15.19
CA TYR A 246 -14.23 7.00 -16.34
C TYR A 246 -12.82 6.47 -16.07
N LEU A 247 -11.95 7.35 -15.56
CA LEU A 247 -10.58 6.93 -15.30
C LEU A 247 -10.43 6.01 -14.08
N VAL A 248 -11.07 6.35 -12.97
CA VAL A 248 -11.01 5.51 -11.78
C VAL A 248 -11.45 4.06 -12.06
N GLU A 249 -12.48 3.91 -12.89
CA GLU A 249 -13.05 2.59 -13.18
C GLU A 249 -12.40 1.88 -14.36
N HIS A 250 -11.44 2.54 -15.00
CA HIS A 250 -10.86 2.05 -16.23
C HIS A 250 -9.99 0.81 -16.01
N PRO A 251 -10.15 -0.24 -16.84
CA PRO A 251 -9.26 -1.40 -16.68
C PRO A 251 -7.78 -1.06 -16.87
N ARG A 252 -7.48 0.02 -17.59
CA ARG A 252 -6.09 0.33 -17.95
C ARG A 252 -5.49 1.51 -17.16
N ILE A 253 -6.19 1.91 -16.10
CA ILE A 253 -5.63 2.86 -15.14
C ILE A 253 -4.92 2.07 -14.05
N ARG A 254 -3.65 2.41 -13.78
CA ARG A 254 -2.83 1.59 -12.90
C ARG A 254 -2.92 1.98 -11.42
N PHE A 255 -3.07 3.28 -11.20
CA PHE A 255 -3.14 3.81 -9.84
C PHE A 255 -3.94 5.09 -9.84
N ILE A 256 -4.43 5.45 -8.65
CA ILE A 256 -5.25 6.63 -8.47
C ILE A 256 -4.71 7.36 -7.26
N ASN A 257 -4.40 8.65 -7.44
CA ASN A 257 -3.94 9.50 -6.36
C ASN A 257 -5.01 10.55 -6.15
N PHE A 258 -5.62 10.60 -4.97
CA PHE A 258 -6.78 11.47 -4.72
C PHE A 258 -6.63 12.24 -3.43
N THR A 259 -6.93 13.52 -3.47
CA THR A 259 -7.10 14.32 -2.27
C THR A 259 -8.41 15.08 -2.41
N GLY A 260 -9.28 14.93 -1.42
CA GLY A 260 -10.58 15.60 -1.43
C GLY A 260 -11.50 15.09 -0.34
N SER A 261 -12.80 15.14 -0.60
CA SER A 261 -13.78 14.80 0.44
C SER A 261 -13.83 13.30 0.70
N LEU A 262 -14.25 12.97 1.92
CA LEU A 262 -14.40 11.57 2.33
C LEU A 262 -15.41 10.83 1.46
N GLU A 263 -16.51 11.50 1.13
CA GLU A 263 -17.54 10.86 0.34
C GLU A 263 -17.00 10.37 -1.01
N VAL A 264 -16.21 11.21 -1.69
CA VAL A 264 -15.59 10.80 -2.94
C VAL A 264 -14.48 9.77 -2.73
N GLY A 265 -13.65 10.00 -1.71
CA GLY A 265 -12.60 9.05 -1.35
C GLY A 265 -13.08 7.63 -1.11
N LEU A 266 -14.21 7.49 -0.40
CA LEU A 266 -14.79 6.18 -0.16
C LEU A 266 -15.18 5.50 -1.47
N LYS A 267 -15.84 6.26 -2.35
CA LYS A 267 -16.20 5.75 -3.67
C LYS A 267 -14.99 5.32 -4.50
N ILE A 268 -13.93 6.14 -4.49
CA ILE A 268 -12.71 5.81 -5.23
C ILE A 268 -12.06 4.53 -4.70
N TYR A 269 -11.99 4.40 -3.38
CA TYR A 269 -11.32 3.25 -2.79
C TYR A 269 -12.09 1.96 -3.10
N GLU A 270 -13.43 2.04 -3.04
CA GLU A 270 -14.27 0.90 -3.35
C GLU A 270 -14.12 0.48 -4.81
N ALA A 271 -14.12 1.47 -5.72
CA ALA A 271 -13.98 1.18 -7.14
C ALA A 271 -12.59 0.60 -7.48
N ALA A 272 -11.56 1.09 -6.79
CA ALA A 272 -10.19 0.63 -7.02
C ALA A 272 -10.03 -0.83 -6.62
N GLY A 273 -10.89 -1.31 -5.73
CA GLY A 273 -10.84 -2.71 -5.29
C GLY A 273 -11.47 -3.70 -6.26
N ARG A 274 -12.17 -3.17 -7.27
CA ARG A 274 -12.83 -4.00 -8.28
C ARG A 274 -11.92 -4.30 -9.47
N LEU A 275 -12.07 -5.49 -10.04
CA LEU A 275 -11.42 -5.83 -11.29
C LEU A 275 -12.35 -5.46 -12.45
N ALA A 276 -12.04 -4.36 -13.12
CA ALA A 276 -12.81 -3.99 -14.30
C ALA A 276 -12.60 -5.03 -15.41
N PRO A 277 -13.60 -5.22 -16.29
CA PRO A 277 -13.44 -6.18 -17.36
C PRO A 277 -12.14 -6.00 -18.16
N GLY A 278 -11.31 -7.04 -18.20
CA GLY A 278 -10.05 -7.02 -18.94
C GLY A 278 -8.84 -6.50 -18.15
N GLN A 279 -9.08 -6.04 -16.92
CA GLN A 279 -8.02 -5.48 -16.07
C GLN A 279 -7.03 -6.57 -15.66
N THR A 280 -5.74 -6.25 -15.65
CA THR A 280 -4.73 -7.27 -15.41
C THR A 280 -3.81 -6.91 -14.23
N TRP A 281 -4.35 -6.17 -13.29
CA TRP A 281 -3.61 -5.85 -12.07
C TRP A 281 -4.56 -5.48 -10.93
N PHE A 282 -3.99 -5.38 -9.74
CA PHE A 282 -4.67 -4.88 -8.57
C PHE A 282 -4.33 -3.39 -8.49
N LYS A 283 -5.34 -2.54 -8.69
CA LYS A 283 -5.12 -1.10 -8.64
C LYS A 283 -4.66 -0.64 -7.27
N ARG A 284 -3.77 0.35 -7.28
CA ARG A 284 -3.42 1.08 -6.07
C ARG A 284 -4.17 2.40 -6.04
N ALA A 285 -4.73 2.71 -4.88
CA ALA A 285 -5.44 3.96 -4.65
C ALA A 285 -4.95 4.59 -3.37
N TYR A 286 -4.47 5.82 -3.50
CA TYR A 286 -3.98 6.60 -2.38
C TYR A 286 -4.97 7.73 -2.18
N VAL A 287 -5.52 7.83 -0.98
CA VAL A 287 -6.55 8.83 -0.72
C VAL A 287 -6.24 9.62 0.56
N GLU A 288 -6.40 10.94 0.47
CA GLU A 288 -6.37 11.80 1.65
C GLU A 288 -7.72 12.49 1.70
N THR A 289 -8.44 12.27 2.79
CA THR A 289 -9.88 12.49 2.85
C THR A 289 -10.37 13.42 3.96
N GLY A 290 -9.52 14.33 4.42
CA GLY A 290 -9.98 15.39 5.31
C GLY A 290 -9.83 15.03 6.77
N GLY A 291 -10.34 15.89 7.65
CA GLY A 291 -10.22 15.67 9.09
C GLY A 291 -11.24 16.44 9.89
N LYS A 292 -11.31 16.13 11.17
CA LYS A 292 -12.04 16.96 12.13
C LYS A 292 -11.08 17.26 13.27
N ASP A 293 -10.22 18.24 13.01
CA ASP A 293 -8.99 18.41 13.80
C ASP A 293 -9.20 19.28 15.03
N ALA A 294 -8.62 18.82 16.14
CA ALA A 294 -8.74 19.50 17.42
C ALA A 294 -7.44 20.06 17.94
N ILE A 295 -7.54 21.20 18.60
CA ILE A 295 -6.49 21.67 19.49
C ILE A 295 -7.00 21.54 20.91
N ILE A 296 -6.22 20.84 21.73
CA ILE A 296 -6.45 20.77 23.18
C ILE A 296 -5.65 21.85 23.89
N VAL A 297 -6.28 22.54 24.84
CA VAL A 297 -5.54 23.46 25.69
C VAL A 297 -5.82 23.11 27.15
N ASP A 298 -4.76 22.93 27.94
CA ASP A 298 -4.95 22.69 29.37
C ASP A 298 -4.59 23.92 30.20
N GLU A 299 -4.78 23.81 31.52
CA GLU A 299 -4.66 24.99 32.38
C GLU A 299 -3.22 25.46 32.59
N THR A 300 -2.27 24.69 32.10
CA THR A 300 -0.82 25.04 32.23
C THR A 300 -0.27 25.83 31.05
N ALA A 301 -1.06 25.93 29.98
CA ALA A 301 -0.62 26.54 28.74
C ALA A 301 -0.39 28.05 28.83
N ASP A 302 0.39 28.56 27.87
CA ASP A 302 0.46 29.98 27.63
C ASP A 302 -0.83 30.31 26.84
N PHE A 303 -1.80 30.92 27.52
CA PHE A 303 -3.13 31.12 26.95
C PHE A 303 -3.14 32.12 25.78
N ASP A 304 -2.26 33.12 25.82
CA ASP A 304 -2.16 34.07 24.72
C ASP A 304 -1.58 33.37 23.49
N LEU A 305 -0.52 32.58 23.70
CA LEU A 305 0.06 31.79 22.62
C LEU A 305 -0.96 30.84 22.03
N ALA A 306 -1.68 30.13 22.90
CA ALA A 306 -2.73 29.19 22.49
C ALA A 306 -3.81 29.86 21.63
N ALA A 307 -4.29 31.01 22.09
CA ALA A 307 -5.36 31.73 21.39
C ALA A 307 -4.95 32.16 19.98
N GLU A 308 -3.72 32.67 19.85
CA GLU A 308 -3.21 33.04 18.55
C GLU A 308 -3.10 31.83 17.61
N GLY A 309 -2.55 30.72 18.12
CA GLY A 309 -2.42 29.50 17.31
C GLY A 309 -3.75 28.90 16.90
N VAL A 310 -4.74 29.00 17.79
CA VAL A 310 -6.09 28.51 17.51
C VAL A 310 -6.74 29.34 16.40
N VAL A 311 -6.62 30.66 16.50
CA VAL A 311 -7.18 31.56 15.49
C VAL A 311 -6.54 31.38 14.09
N VAL A 312 -5.21 31.28 14.04
CA VAL A 312 -4.51 30.94 12.79
C VAL A 312 -4.99 29.59 12.24
N SER A 313 -5.04 28.57 13.11
CA SER A 313 -5.38 27.21 12.66
C SER A 313 -6.85 27.10 12.23
N ALA A 314 -7.74 27.86 12.86
CA ALA A 314 -9.17 27.73 12.58
C ALA A 314 -9.61 28.56 11.39
N TYR A 315 -8.97 29.71 11.19
CA TYR A 315 -9.49 30.69 10.24
C TYR A 315 -8.58 30.98 9.05
N GLY A 316 -7.33 30.49 9.07
CA GLY A 316 -6.46 30.59 7.88
C GLY A 316 -7.15 30.00 6.67
N PHE A 317 -7.10 30.72 5.55
CA PHE A 317 -7.85 30.32 4.34
C PHE A 317 -9.32 29.93 4.64
N GLN A 318 -9.90 30.68 5.58
CA GLN A 318 -11.32 30.62 5.87
C GLN A 318 -11.69 29.24 6.41
N GLY A 319 -10.71 28.54 7.01
CA GLY A 319 -10.97 27.23 7.57
C GLY A 319 -11.09 26.12 6.53
N GLN A 320 -10.75 26.46 5.29
CA GLN A 320 -10.91 25.54 4.16
C GLN A 320 -9.66 24.67 3.99
N LYS A 321 -9.27 24.02 5.07
CA LYS A 321 -8.10 23.15 5.06
C LYS A 321 -8.45 21.84 5.76
N SER A 323 -6.47 20.33 7.44
CA SER A 323 -5.70 20.46 8.68
C SER A 323 -6.27 21.48 9.68
N ALA A 324 -7.31 22.21 9.26
CA ALA A 324 -7.80 23.33 10.05
C ALA A 324 -8.32 22.88 11.43
N ALA A 325 -8.08 23.70 12.45
CA ALA A 325 -8.64 23.44 13.77
C ALA A 325 -10.13 23.74 13.70
N SER A 326 -10.94 22.70 13.67
CA SER A 326 -12.39 22.91 13.77
C SER A 326 -12.95 22.57 15.15
N ARG A 327 -12.11 22.02 16.01
CA ARG A 327 -12.52 21.75 17.39
C ARG A 327 -11.48 22.35 18.33
N LEU A 328 -11.96 22.99 19.38
CA LEU A 328 -11.10 23.50 20.47
C LEU A 328 -11.56 22.84 21.73
N ILE A 329 -10.72 21.98 22.30
CA ILE A 329 -11.08 21.17 23.47
C ILE A 329 -10.37 21.80 24.65
N LEU A 330 -11.14 22.33 25.60
CA LEU A 330 -10.57 23.11 26.68
C LEU A 330 -10.85 22.40 28.00
N THR A 331 -9.80 22.11 28.77
CA THR A 331 -10.01 21.58 30.13
C THR A 331 -10.67 22.65 30.99
N GLN A 332 -11.23 22.24 32.12
CA GLN A 332 -12.03 23.17 32.90
C GLN A 332 -11.28 24.46 33.29
N GLY A 333 -10.04 24.33 33.78
CA GLY A 333 -9.20 25.49 34.13
C GLY A 333 -8.80 26.37 32.96
N ALA A 334 -8.79 25.82 31.75
CA ALA A 334 -8.43 26.59 30.56
C ALA A 334 -9.63 27.23 29.87
N TYR A 335 -10.85 26.78 30.20
CA TYR A 335 -12.02 27.14 29.41
C TYR A 335 -12.25 28.65 29.29
N GLU A 336 -12.50 29.32 30.40
CA GLU A 336 -12.80 30.75 30.33
C GLU A 336 -11.61 31.59 29.81
N PRO A 337 -10.40 31.39 30.39
CA PRO A 337 -9.29 32.22 29.90
C PRO A 337 -8.99 32.06 28.40
N VAL A 338 -9.01 30.84 27.90
CA VAL A 338 -8.73 30.64 26.48
C VAL A 338 -9.87 31.09 25.57
N LEU A 339 -11.12 30.76 25.91
CA LEU A 339 -12.24 31.17 25.08
C LEU A 339 -12.32 32.70 24.98
N GLU A 340 -12.15 33.41 26.08
CA GLU A 340 -12.24 34.87 26.05
C GLU A 340 -11.16 35.44 25.12
N ARG A 341 -9.95 34.88 25.19
CA ARG A 341 -8.85 35.33 24.34
C ARG A 341 -9.11 35.01 22.87
N VAL A 342 -9.68 33.84 22.61
CA VAL A 342 -10.00 33.42 21.24
C VAL A 342 -11.06 34.35 20.65
N LEU A 343 -12.12 34.61 21.43
CA LEU A 343 -13.19 35.50 20.96
C LEU A 343 -12.69 36.91 20.66
N LYS A 344 -11.87 37.45 21.56
CA LYS A 344 -11.32 38.78 21.37
C LYS A 344 -10.43 38.89 20.13
N ARG A 345 -9.61 37.87 19.90
CA ARG A 345 -8.77 37.80 18.70
C ARG A 345 -9.60 37.63 17.42
N ALA A 346 -10.57 36.73 17.46
CA ALA A 346 -11.34 36.39 16.27
C ALA A 346 -12.27 37.50 15.82
N GLU A 347 -12.82 38.24 16.77
CA GLU A 347 -13.74 39.33 16.42
C GLU A 347 -13.03 40.49 15.69
N ARG A 348 -11.70 40.52 15.77
CA ARG A 348 -10.86 41.55 15.12
C ARG A 348 -10.42 41.20 13.70
N LEU A 349 -10.66 39.95 13.30
CA LEU A 349 -10.28 39.49 11.96
C LEU A 349 -11.05 40.24 10.88
N SER A 350 -10.30 40.72 9.87
CA SER A 350 -10.93 41.38 8.72
C SER A 350 -11.41 40.34 7.72
N VAL A 351 -12.52 40.66 7.03
CA VAL A 351 -13.05 39.81 5.97
C VAL A 351 -13.35 40.70 4.75
N GLY A 352 -12.86 40.31 3.59
CA GLY A 352 -13.10 41.08 2.38
C GLY A 352 -12.49 40.44 1.15
N PRO A 353 -12.52 41.15 0.02
CA PRO A 353 -11.96 40.60 -1.21
C PRO A 353 -10.51 40.21 -0.99
N ALA A 354 -10.14 39.03 -1.49
CA ALA A 354 -8.81 38.48 -1.22
C ALA A 354 -7.70 39.40 -1.72
N GLU A 355 -7.93 40.12 -2.81
CA GLU A 355 -6.90 41.04 -3.35
C GLU A 355 -6.46 42.12 -2.36
N GLU A 356 -7.37 42.47 -1.43
CA GLU A 356 -7.08 43.45 -0.37
C GLU A 356 -6.20 42.89 0.76
N ASN A 357 -5.85 41.62 0.68
CA ASN A 357 -5.08 40.94 1.71
C ASN A 357 -5.73 41.02 3.11
N PRO A 358 -7.01 40.60 3.20
CA PRO A 358 -7.72 40.59 4.47
C PRO A 358 -7.24 39.39 5.27
N ASP A 359 -7.66 39.30 6.53
CA ASP A 359 -7.40 38.08 7.29
C ASP A 359 -8.14 36.89 6.69
N LEU A 360 -9.37 37.11 6.25
CA LEU A 360 -10.17 36.10 5.57
C LEU A 360 -10.69 36.62 4.24
N GLY A 361 -10.55 35.83 3.18
CA GLY A 361 -11.22 36.11 1.92
C GLY A 361 -12.59 35.43 1.97
N PRO A 362 -13.17 35.18 0.79
CA PRO A 362 -14.44 34.47 0.72
C PRO A 362 -14.23 32.96 0.75
N VAL A 363 -15.28 32.21 1.05
CA VAL A 363 -15.23 30.76 0.77
C VAL A 363 -15.30 30.56 -0.75
N VAL A 364 -15.02 29.36 -1.23
CA VAL A 364 -14.58 29.21 -2.63
C VAL A 364 -15.68 29.30 -3.70
N SER A 365 -16.91 28.99 -3.30
CA SER A 365 -18.01 28.91 -4.26
C SER A 365 -19.35 29.10 -3.59
N ALA A 366 -20.39 29.29 -4.40
CA ALA A 366 -21.74 29.42 -3.88
C ALA A 366 -22.19 28.16 -3.15
N GLU A 367 -21.85 26.99 -3.69
CA GLU A 367 -22.19 25.73 -3.03
C GLU A 367 -21.47 25.59 -1.70
N GLN A 368 -20.18 25.93 -1.68
CA GLN A 368 -19.47 25.93 -0.40
C GLN A 368 -20.10 26.86 0.61
N GLU A 369 -20.43 28.08 0.18
CA GLU A 369 -21.13 29.02 1.03
C GLU A 369 -22.43 28.43 1.59
N ARG A 370 -23.23 27.82 0.72
CA ARG A 370 -24.50 27.21 1.12
C ARG A 370 -24.28 26.11 2.16
N LYS A 371 -23.26 25.27 1.95
CA LYS A 371 -22.97 24.20 2.88
C LYS A 371 -22.53 24.70 4.26
N VAL A 372 -21.61 25.68 4.27
CA VAL A 372 -21.13 26.23 5.54
C VAL A 372 -22.30 26.89 6.31
N LEU A 373 -23.13 27.64 5.59
CA LEU A 373 -24.28 28.32 6.20
C LEU A 373 -25.30 27.30 6.74
N SER A 374 -25.47 26.18 6.03
CA SER A 374 -26.33 25.09 6.52
C SER A 374 -25.81 24.49 7.84
N TYR A 375 -24.50 24.23 7.90
CA TYR A 375 -23.87 23.71 9.13
C TYR A 375 -24.00 24.71 10.28
N ILE A 376 -23.96 26.00 9.96
CA ILE A 376 -24.20 27.01 11.00
C ILE A 376 -25.63 26.88 11.55
N GLU A 377 -26.60 26.66 10.68
CA GLU A 377 -27.97 26.45 11.16
C GLU A 377 -28.09 25.21 12.04
N ILE A 378 -27.45 24.13 11.62
CA ILE A 378 -27.40 22.89 12.39
C ILE A 378 -26.75 23.17 13.74
N GLY A 379 -25.63 23.89 13.71
CA GLY A 379 -24.88 24.25 14.90
C GLY A 379 -25.70 25.01 15.94
N LYS A 380 -26.54 25.92 15.47
CA LYS A 380 -27.36 26.74 16.37
C LYS A 380 -28.25 25.89 17.28
N ASN A 381 -28.57 24.68 16.84
CA ASN A 381 -29.43 23.79 17.62
C ASN A 381 -28.65 22.71 18.35
N GLU A 382 -27.33 22.80 18.29
CA GLU A 382 -26.44 21.81 18.94
C GLU A 382 -25.61 22.43 20.06
N GLY A 383 -25.00 23.59 19.79
CA GLY A 383 -24.25 24.30 20.81
C GLY A 383 -24.72 25.74 20.92
N GLN A 384 -23.89 26.58 21.52
CA GLN A 384 -24.23 27.97 21.77
C GLN A 384 -23.43 28.88 20.84
N LEU A 385 -24.10 29.58 19.93
CA LEU A 385 -23.42 30.53 19.04
C LEU A 385 -22.91 31.73 19.85
N VAL A 386 -21.60 31.98 19.82
CA VAL A 386 -21.03 33.09 20.60
C VAL A 386 -20.24 34.10 19.75
N LEU A 387 -20.06 33.81 18.46
CA LEU A 387 -19.45 34.76 17.52
C LEU A 387 -19.82 34.44 16.08
N GLY A 388 -20.09 35.49 15.31
CA GLY A 388 -20.36 35.34 13.88
C GLY A 388 -21.64 34.59 13.57
N GLY A 389 -21.54 33.59 12.69
CA GLY A 389 -22.66 32.76 12.30
C GLY A 389 -23.51 33.30 11.16
N LYS A 390 -22.94 34.20 10.36
CA LYS A 390 -23.67 34.78 9.24
C LYS A 390 -22.82 35.12 8.03
N ARG A 391 -23.50 35.18 6.88
CA ARG A 391 -22.93 35.73 5.67
C ARG A 391 -22.77 37.24 5.86
N LEU A 392 -21.73 37.80 5.26
CA LEU A 392 -21.53 39.24 5.28
C LEU A 392 -22.08 39.85 3.99
N GLU A 393 -22.17 41.17 3.94
CA GLU A 393 -22.71 41.86 2.76
C GLU A 393 -21.74 41.81 1.58
N GLY A 394 -22.29 41.78 0.38
CA GLY A 394 -21.48 41.74 -0.84
C GLY A 394 -21.78 40.53 -1.71
N GLU A 395 -21.43 40.61 -2.99
CA GLU A 395 -21.68 39.50 -3.90
C GLU A 395 -20.71 38.34 -3.67
N GLY A 396 -19.50 38.65 -3.18
CA GLY A 396 -18.51 37.62 -2.82
C GLY A 396 -19.02 36.71 -1.72
N TYR A 397 -18.47 35.50 -1.63
CA TYR A 397 -18.94 34.51 -0.69
C TYR A 397 -18.34 34.68 0.71
N PHE A 398 -18.63 35.82 1.35
CA PHE A 398 -18.03 36.16 2.64
C PHE A 398 -18.82 35.66 3.84
N ILE A 399 -18.15 34.88 4.68
CA ILE A 399 -18.75 34.35 5.91
C ILE A 399 -17.89 34.83 7.10
N ALA A 400 -18.56 35.29 8.16
CA ALA A 400 -17.89 35.79 9.36
C ALA A 400 -17.25 34.64 10.12
N PRO A 401 -16.06 34.86 10.70
CA PRO A 401 -15.51 33.88 11.65
C PRO A 401 -16.56 33.51 12.70
N THR A 402 -16.77 32.20 12.87
CA THR A 402 -17.88 31.69 13.67
C THR A 402 -17.34 30.80 14.78
N VAL A 403 -17.95 30.96 15.96
CA VAL A 403 -17.62 30.16 17.13
C VAL A 403 -18.90 29.68 17.81
N PHE A 404 -18.97 28.37 18.04
CA PHE A 404 -19.95 27.75 18.90
C PHE A 404 -19.24 27.23 20.13
N THR A 405 -19.88 27.33 21.29
CA THR A 405 -19.30 26.77 22.50
C THR A 405 -20.27 25.85 23.23
N GLU A 406 -19.80 25.19 24.29
CA GLU A 406 -20.55 24.14 24.99
C GLU A 406 -21.11 23.10 24.00
N VAL A 407 -20.28 22.78 23.00
CA VAL A 407 -20.67 21.84 21.98
C VAL A 407 -20.51 20.41 22.48
N PRO A 408 -21.58 19.60 22.40
CA PRO A 408 -21.48 18.18 22.72
C PRO A 408 -20.46 17.49 21.81
N PRO A 409 -19.60 16.63 22.37
CA PRO A 409 -18.63 15.95 21.49
C PRO A 409 -19.24 15.19 20.31
N LYS A 410 -20.45 14.66 20.44
CA LYS A 410 -21.05 13.86 19.36
C LYS A 410 -22.02 14.66 18.50
N ALA A 411 -22.05 15.97 18.70
CA ALA A 411 -22.82 16.88 17.84
C ALA A 411 -22.33 16.80 16.39
N ARG A 412 -23.22 17.04 15.43
CA ARG A 412 -22.80 17.01 14.03
C ARG A 412 -21.67 18.00 13.77
N ILE A 413 -21.76 19.19 14.35
CA ILE A 413 -20.70 20.20 14.16
C ILE A 413 -19.36 19.86 14.84
N ALA A 414 -19.37 18.88 15.74
CA ALA A 414 -18.15 18.38 16.38
C ALA A 414 -17.65 17.08 15.74
N GLN A 415 -18.34 16.60 14.70
CA GLN A 415 -18.02 15.33 14.08
C GLN A 415 -17.79 15.44 12.57
N GLU A 416 -18.51 16.34 11.92
CA GLU A 416 -18.53 16.41 10.46
C GLU A 416 -17.66 17.55 9.98
N GLU A 417 -16.93 17.32 8.88
CA GLU A 417 -16.02 18.32 8.33
C GLU A 417 -16.78 19.41 7.59
N ILE A 418 -16.82 20.60 8.18
CA ILE A 418 -17.54 21.75 7.61
C ILE A 418 -16.74 22.48 6.57
N PHE A 419 -15.42 22.57 6.78
CA PHE A 419 -14.55 23.15 5.77
C PHE A 419 -14.90 24.63 5.53
N GLY A 420 -15.12 25.36 6.62
CA GLY A 420 -15.37 26.79 6.59
C GLY A 420 -14.93 27.39 7.91
N PRO A 421 -15.14 28.70 8.09
CA PRO A 421 -14.63 29.39 9.28
C PRO A 421 -15.52 29.19 10.50
N VAL A 422 -15.63 27.94 10.95
CA VAL A 422 -16.55 27.57 12.02
C VAL A 422 -15.81 26.71 13.02
N LEU A 423 -15.61 27.26 14.23
CA LEU A 423 -14.90 26.59 15.30
C LEU A 423 -15.91 26.12 16.35
N SER A 424 -15.79 24.86 16.76
CA SER A 424 -16.64 24.29 17.83
C SER A 424 -15.80 24.08 19.09
N VAL A 425 -16.22 24.69 20.19
CA VAL A 425 -15.49 24.65 21.46
C VAL A 425 -16.18 23.68 22.40
N ILE A 426 -15.40 22.73 22.91
CA ILE A 426 -15.88 21.64 23.75
C ILE A 426 -15.18 21.75 25.09
N ARG A 427 -15.95 21.79 26.17
CA ARG A 427 -15.41 21.90 27.53
C ARG A 427 -15.34 20.53 28.19
N VAL A 428 -14.17 20.19 28.73
CA VAL A 428 -13.95 18.87 29.31
C VAL A 428 -13.33 19.02 30.70
N LYS A 429 -13.38 17.96 31.48
CA LYS A 429 -12.93 18.05 32.87
C LYS A 429 -11.41 18.18 32.98
N ASP A 430 -10.69 17.35 32.25
CA ASP A 430 -9.26 17.23 32.44
C ASP A 430 -8.60 16.74 31.16
N PHE A 431 -7.29 16.54 31.23
CA PHE A 431 -6.54 16.15 30.05
C PHE A 431 -6.90 14.76 29.49
N ALA A 432 -7.20 13.81 30.38
CA ALA A 432 -7.57 12.48 29.94
C ALA A 432 -8.87 12.53 29.13
N GLU A 433 -9.85 13.26 29.65
CA GLU A 433 -11.10 13.49 28.93
C GLU A 433 -10.85 14.25 27.62
N ALA A 434 -9.94 15.23 27.66
CA ALA A 434 -9.57 15.96 26.42
C ALA A 434 -9.11 15.00 25.32
N LEU A 435 -8.23 14.06 25.67
CA LEU A 435 -7.74 13.09 24.71
C LEU A 435 -8.86 12.17 24.21
N GLU A 436 -9.76 11.75 25.10
CA GLU A 436 -10.86 10.87 24.71
C GLU A 436 -11.70 11.55 23.64
N VAL A 437 -12.03 12.81 23.91
CA VAL A 437 -12.84 13.61 22.99
C VAL A 437 -12.08 13.85 21.69
N ALA A 438 -10.79 14.16 21.80
CA ALA A 438 -9.96 14.38 20.62
C ALA A 438 -10.01 13.17 19.71
N ASN A 439 -9.90 11.98 20.30
CA ASN A 439 -9.82 10.74 19.55
C ASN A 439 -11.17 10.25 19.01
N ASP A 440 -12.25 10.68 19.64
CA ASP A 440 -13.59 10.17 19.30
C ASP A 440 -14.23 10.90 18.12
N THR A 441 -13.59 10.78 16.96
CA THR A 441 -14.18 11.15 15.66
C THR A 441 -13.76 10.06 14.67
N PRO A 442 -14.38 10.03 13.47
CA PRO A 442 -13.92 9.03 12.48
C PRO A 442 -12.59 9.37 11.79
N TYR A 443 -12.03 10.52 12.13
CA TYR A 443 -10.86 11.06 11.42
C TYR A 443 -9.59 10.97 12.27
N GLY A 444 -8.47 11.36 11.66
CA GLY A 444 -7.19 11.32 12.36
C GLY A 444 -6.07 12.01 11.62
N LEU A 445 -6.30 13.27 11.21
CA LEU A 445 -5.36 13.96 10.35
C LEU A 445 -4.40 14.86 11.13
N THR A 446 -4.87 16.00 11.61
CA THR A 446 -4.01 16.84 12.43
C THR A 446 -4.60 17.03 13.81
N GLY A 447 -3.75 17.47 14.74
CA GLY A 447 -4.17 17.80 16.07
C GLY A 447 -3.10 18.63 16.74
N GLY A 448 -3.49 19.32 17.81
CA GLY A 448 -2.53 20.11 18.60
C GLY A 448 -2.79 20.04 20.08
N VAL A 449 -1.74 20.30 20.85
CA VAL A 449 -1.86 20.51 22.29
C VAL A 449 -1.06 21.73 22.70
N TYR A 450 -1.72 22.66 23.38
CA TYR A 450 -1.02 23.73 24.11
C TYR A 450 -1.00 23.36 25.58
N SER A 451 0.22 23.22 26.11
CA SER A 451 0.47 22.78 27.47
C SER A 451 1.94 22.99 27.82
N ARG A 452 2.21 23.36 29.06
CA ARG A 452 3.60 23.39 29.56
C ARG A 452 3.95 22.10 30.30
N LYS A 453 2.96 21.26 30.59
CA LYS A 453 3.22 20.03 31.33
C LYS A 453 3.82 18.94 30.45
N ARG A 454 5.07 18.57 30.74
CA ARG A 454 5.77 17.61 29.89
C ARG A 454 5.02 16.30 29.78
N GLU A 455 4.43 15.87 30.89
CA GLU A 455 3.80 14.56 30.92
C GLU A 455 2.55 14.55 30.06
N HIS A 456 1.87 15.69 29.93
CA HIS A 456 0.72 15.80 29.06
C HIS A 456 1.17 15.77 27.60
N LEU A 457 2.24 16.49 27.28
CA LEU A 457 2.75 16.49 25.90
C LEU A 457 3.15 15.10 25.46
N GLU A 458 3.89 14.40 26.31
CA GLU A 458 4.43 13.10 25.93
C GLU A 458 3.33 12.04 25.89
N TRP A 459 2.36 12.17 26.79
CA TRP A 459 1.12 11.39 26.75
C TRP A 459 0.42 11.56 25.38
N ALA A 460 0.20 12.81 24.96
CA ALA A 460 -0.42 13.08 23.65
C ALA A 460 0.44 12.51 22.51
N ARG A 461 1.77 12.62 22.62
CA ARG A 461 2.65 12.00 21.60
C ARG A 461 2.31 10.52 21.38
N ARG A 462 2.00 9.83 22.48
CA ARG A 462 1.70 8.39 22.47
C ARG A 462 0.24 8.09 22.08
N GLU A 463 -0.69 8.98 22.46
CA GLU A 463 -2.12 8.63 22.49
C GLU A 463 -3.11 9.51 21.72
N PHE A 464 -2.68 10.69 21.27
CA PHE A 464 -3.55 11.58 20.50
C PHE A 464 -3.38 11.07 19.09
N HIS A 465 -4.38 10.34 18.59
CA HIS A 465 -4.20 9.48 17.43
C HIS A 465 -4.50 10.21 16.12
N VAL A 466 -3.52 11.04 15.72
CA VAL A 466 -3.59 11.79 14.47
C VAL A 466 -2.23 11.68 13.78
N GLY A 467 -2.22 11.78 12.46
CA GLY A 467 -0.97 11.58 11.72
C GLY A 467 0.00 12.73 11.83
N ASN A 468 -0.51 13.92 12.13
CA ASN A 468 0.30 15.14 12.24
C ASN A 468 -0.10 15.89 13.48
N LEU A 469 0.75 15.78 14.49
CA LEU A 469 0.49 16.34 15.80
C LEU A 469 1.48 17.47 16.12
N TYR A 470 0.99 18.59 16.66
CA TYR A 470 1.83 19.76 16.92
C TYR A 470 1.63 20.25 18.35
N PHE A 471 2.74 20.58 19.01
CA PHE A 471 2.70 21.05 20.40
C PHE A 471 3.11 22.51 20.47
N ASN A 472 2.23 23.32 21.06
CA ASN A 472 2.50 24.74 21.33
C ASN A 472 2.76 25.58 20.08
N ARG A 473 2.01 25.25 19.03
CA ARG A 473 2.07 25.95 17.77
C ARG A 473 0.85 25.58 16.93
N LYS A 474 0.66 26.31 15.83
CA LYS A 474 -0.46 26.06 14.92
C LYS A 474 -0.42 24.62 14.35
N ILE A 475 -1.59 24.12 13.94
CA ILE A 475 -1.68 22.74 13.44
C ILE A 475 -1.78 22.63 11.92
N THR A 476 -1.75 23.78 11.25
CA THR A 476 -1.79 23.86 9.78
C THR A 476 -0.39 24.14 9.26
N GLY A 477 -0.24 24.02 7.95
CA GLY A 477 1.00 24.44 7.30
C GLY A 477 2.19 23.50 7.43
N ALA A 478 1.91 22.20 7.46
CA ALA A 478 2.97 21.19 7.45
C ALA A 478 3.96 21.49 6.32
N LEU A 479 5.24 21.51 6.65
CA LEU A 479 6.30 21.76 5.68
C LEU A 479 6.81 20.48 5.06
N VAL A 480 6.90 20.48 3.73
CA VAL A 480 7.53 19.39 3.01
C VAL A 480 8.91 19.05 3.63
N GLY A 481 9.13 17.76 3.84
CA GLY A 481 10.40 17.27 4.36
C GLY A 481 10.44 17.27 5.88
N VAL A 482 9.92 18.35 6.48
CA VAL A 482 9.96 18.54 7.94
C VAL A 482 8.89 17.69 8.63
N GLN A 483 7.66 17.79 8.12
CA GLN A 483 6.49 17.13 8.69
C GLN A 483 5.77 16.30 7.63
N PRO A 484 6.18 15.02 7.47
CA PRO A 484 5.47 14.08 6.57
C PRO A 484 3.97 14.21 6.82
N PHE A 485 3.20 14.44 5.76
CA PHE A 485 1.80 14.84 5.95
C PHE A 485 0.80 13.77 5.49
N GLY A 486 -0.10 13.37 6.38
CA GLY A 486 -1.07 12.32 6.09
C GLY A 486 -1.58 11.74 7.38
N GLY A 487 -2.77 11.14 7.31
CA GLY A 487 -3.49 10.83 8.53
C GLY A 487 -3.80 9.37 8.74
N PHE A 488 -4.63 9.16 9.75
CA PHE A 488 -5.14 7.84 10.17
C PHE A 488 -6.65 7.76 9.95
N LYS A 489 -7.20 6.56 10.10
CA LYS A 489 -8.65 6.39 10.12
C LYS A 489 -9.28 6.96 8.85
N LEU A 490 -10.42 7.63 8.95
CA LEU A 490 -11.06 8.09 7.72
C LEU A 490 -10.46 9.37 7.14
N SER A 491 -9.29 9.77 7.65
CA SER A 491 -8.52 10.81 6.97
C SER A 491 -7.70 10.25 5.80
N GLY A 492 -7.75 8.94 5.61
CA GLY A 492 -7.20 8.37 4.38
C GLY A 492 -6.24 7.21 4.59
N THR A 493 -5.38 7.01 3.61
CA THR A 493 -4.51 5.82 3.58
C THR A 493 -3.08 6.03 4.12
N ASN A 494 -2.85 7.19 4.76
CA ASN A 494 -1.56 7.49 5.39
C ASN A 494 -0.42 7.55 4.37
N ALA A 495 -0.73 8.02 3.16
CA ALA A 495 0.30 8.25 2.14
C ALA A 495 0.97 9.56 2.53
N LYS A 496 2.16 9.48 3.11
CA LYS A 496 2.78 10.64 3.73
C LYS A 496 3.46 11.52 2.68
N THR A 497 2.83 12.65 2.39
CA THR A 497 3.39 13.55 1.37
C THR A 497 4.62 14.26 1.92
N GLY A 498 5.55 14.66 1.04
CA GLY A 498 6.75 15.37 1.51
C GLY A 498 7.68 14.51 2.37
N ALA A 499 7.67 13.21 2.09
CA ALA A 499 8.44 12.25 2.86
C ALA A 499 9.01 11.21 1.90
N LEU A 500 10.18 10.66 2.27
CA LEU A 500 10.80 9.61 1.47
C LEU A 500 9.82 8.49 1.09
N ASP A 501 9.00 8.08 2.05
CA ASP A 501 8.07 6.97 1.90
C ASP A 501 7.03 7.19 0.81
N TYR A 502 6.71 8.46 0.50
CA TYR A 502 5.70 8.73 -0.53
C TYR A 502 6.03 8.06 -1.86
N LEU A 503 7.30 8.15 -2.29
CA LEU A 503 7.62 7.65 -3.61
C LEU A 503 7.53 6.12 -3.73
N ARG A 504 7.71 5.42 -2.61
CA ARG A 504 7.64 3.97 -2.61
C ARG A 504 6.25 3.48 -3.05
N LEU A 505 5.24 4.30 -2.79
CA LEU A 505 3.87 3.98 -3.16
C LEU A 505 3.67 3.83 -4.66
N PHE A 506 4.56 4.44 -5.42
CA PHE A 506 4.45 4.50 -6.90
C PHE A 506 5.47 3.60 -7.62
N LEU A 507 6.03 2.65 -6.85
CA LEU A 507 7.00 1.68 -7.36
C LEU A 507 6.59 0.25 -6.99
N GLU A 508 7.04 -0.69 -7.82
CA GLU A 508 7.00 -2.11 -7.48
C GLU A 508 8.42 -2.64 -7.58
N MET A 509 8.67 -3.80 -6.97
CA MET A 509 10.03 -4.34 -6.88
C MET A 509 10.17 -5.61 -7.72
N LYS A 510 11.31 -5.70 -8.40
CA LYS A 510 11.70 -6.92 -9.12
C LYS A 510 12.97 -7.49 -8.46
N ALA A 511 13.05 -8.81 -8.41
CA ALA A 511 14.22 -9.54 -7.89
C ALA A 511 14.73 -10.45 -8.99
N VAL A 512 15.99 -10.23 -9.41
CA VAL A 512 16.59 -11.01 -10.49
C VAL A 512 17.86 -11.71 -9.99
N ALA A 513 17.89 -13.04 -10.14
CA ALA A 513 19.03 -13.86 -9.73
C ALA A 513 19.71 -14.44 -10.96
N GLU A 514 21.04 -14.31 -11.05
CA GLU A 514 21.81 -15.09 -12.01
C GLU A 514 22.71 -16.06 -11.27
N ARG A 515 22.58 -17.35 -11.61
CA ARG A 515 23.50 -18.37 -11.13
C ARG A 515 24.59 -18.52 -12.20
N PHE A 516 25.84 -18.23 -11.82
CA PHE A 516 26.94 -18.22 -12.78
C PHE A 516 27.48 -19.60 -13.16
N MET B 1 19.75 -4.68 20.93
CA MET B 1 19.99 -6.14 20.80
C MET B 1 20.91 -6.50 19.64
N THR B 2 21.87 -7.40 19.89
CA THR B 2 22.86 -7.79 18.89
C THR B 2 22.92 -9.30 18.74
N VAL B 3 22.56 -9.74 17.53
CA VAL B 3 22.60 -11.14 17.14
C VAL B 3 23.50 -11.27 15.93
N GLU B 4 23.86 -12.51 15.59
CA GLU B 4 24.68 -12.79 14.40
C GLU B 4 23.95 -12.25 13.18
N PRO B 5 24.71 -11.85 12.14
CA PRO B 5 24.03 -11.45 10.91
C PRO B 5 23.18 -12.59 10.37
N PHE B 6 22.07 -12.24 9.75
CA PHE B 6 21.15 -13.21 9.19
C PHE B 6 21.85 -14.18 8.23
N ARG B 7 21.57 -15.47 8.40
CA ARG B 7 21.94 -16.50 7.43
C ARG B 7 20.70 -17.37 7.23
N ASN B 8 20.50 -17.90 6.02
CA ASN B 8 19.42 -18.85 5.78
C ASN B 8 19.67 -20.18 6.49
N GLU B 9 18.59 -20.75 7.01
CA GLU B 9 18.65 -22.06 7.64
C GLU B 9 18.98 -23.09 6.55
N PRO B 10 20.02 -23.92 6.79
CA PRO B 10 20.34 -24.94 5.78
C PRO B 10 19.19 -25.93 5.55
N ILE B 11 18.98 -26.28 4.28
CA ILE B 11 17.97 -27.23 3.89
C ILE B 11 18.60 -28.62 3.97
N GLU B 12 17.98 -29.52 4.72
CA GLU B 12 18.52 -30.87 4.90
C GLU B 12 18.38 -31.67 3.60
N THR B 13 19.47 -32.34 3.22
CA THR B 13 19.51 -33.19 2.01
C THR B 13 19.30 -34.68 2.34
N PHE B 14 19.48 -35.04 3.60
CA PHE B 14 19.35 -36.43 4.06
C PHE B 14 20.35 -37.37 3.37
N GLN B 15 21.55 -36.86 3.12
CA GLN B 15 22.60 -37.63 2.47
C GLN B 15 23.47 -38.37 3.48
N THR B 16 23.28 -38.08 4.76
CA THR B 16 23.95 -38.83 5.81
C THR B 16 23.00 -39.83 6.44
N GLU B 17 23.59 -40.88 7.02
CA GLU B 17 22.84 -41.87 7.77
C GLU B 17 22.10 -41.25 8.96
N GLU B 18 22.79 -40.39 9.69
CA GLU B 18 22.21 -39.70 10.86
C GLU B 18 20.95 -38.91 10.49
N ALA B 19 21.00 -38.21 9.36
CA ALA B 19 19.86 -37.41 8.90
C ALA B 19 18.68 -38.32 8.55
N ARG B 20 18.97 -39.46 7.91
CA ARG B 20 17.95 -40.42 7.54
C ARG B 20 17.33 -41.06 8.78
N ARG B 21 18.19 -41.48 9.71
CA ARG B 21 17.74 -42.02 11.00
C ARG B 21 16.83 -41.05 11.74
N ALA B 22 17.25 -39.79 11.82
CA ALA B 22 16.50 -38.74 12.50
C ALA B 22 15.12 -38.55 11.88
N MET B 23 15.04 -38.62 10.55
CA MET B 23 13.76 -38.49 9.85
C MET B 23 12.86 -39.69 10.09
N ARG B 24 13.41 -40.90 10.02
CA ARG B 24 12.61 -42.09 10.31
C ARG B 24 12.00 -42.04 11.69
N GLU B 25 12.80 -41.59 12.66
CA GLU B 25 12.37 -41.37 14.06
C GLU B 25 11.21 -40.38 14.13
N ALA B 26 11.35 -39.25 13.43
CA ALA B 26 10.30 -38.23 13.40
C ALA B 26 9.01 -38.70 12.73
N LEU B 27 9.15 -39.40 11.62
CA LEU B 27 7.99 -40.01 10.94
C LEU B 27 7.25 -40.95 11.88
N ARG B 28 8.00 -41.75 12.64
CA ARG B 28 7.35 -42.66 13.59
C ARG B 28 6.61 -41.93 14.71
N ARG B 29 7.24 -40.88 15.25
CA ARG B 29 6.61 -40.12 16.33
C ARG B 29 5.35 -39.45 15.84
N VAL B 30 5.41 -38.88 14.63
CA VAL B 30 4.26 -38.15 14.08
C VAL B 30 3.09 -39.12 13.85
N ARG B 31 3.37 -40.29 13.27
CA ARG B 31 2.28 -41.23 12.97
C ARG B 31 1.67 -41.89 14.21
N GLU B 32 2.48 -42.02 15.26
CA GLU B 32 1.98 -42.52 16.55
C GLU B 32 1.02 -41.50 17.17
N GLU B 33 1.12 -40.25 16.71
CA GLU B 33 0.27 -39.16 17.18
C GLU B 33 -0.87 -38.80 16.22
N PHE B 34 -1.11 -39.65 15.22
CA PHE B 34 -2.24 -39.44 14.28
C PHE B 34 -3.60 -39.29 14.95
N GLY B 35 -3.74 -39.82 16.17
CA GLY B 35 -5.00 -39.74 16.92
C GLY B 35 -5.26 -38.41 17.63
N ARG B 36 -4.27 -37.52 17.64
CA ARG B 36 -4.37 -36.27 18.37
C ARG B 36 -5.46 -35.34 17.85
N HIS B 37 -6.06 -34.60 18.78
CA HIS B 37 -7.00 -33.54 18.49
C HIS B 37 -6.37 -32.22 18.90
N TYR B 38 -6.51 -31.21 18.04
CA TYR B 38 -5.91 -29.90 18.27
C TYR B 38 -7.00 -28.83 18.34
N PRO B 39 -7.18 -28.20 19.52
CA PRO B 39 -8.19 -27.14 19.60
C PRO B 39 -7.83 -25.84 18.84
N LEU B 40 -8.75 -24.89 18.88
CA LEU B 40 -8.44 -23.49 18.50
C LEU B 40 -7.48 -22.91 19.51
N TYR B 41 -6.82 -21.82 19.14
CA TYR B 41 -5.99 -21.07 20.08
C TYR B 41 -6.46 -19.63 20.07
N ILE B 42 -7.06 -19.22 21.19
CA ILE B 42 -7.66 -17.90 21.31
C ILE B 42 -7.27 -17.32 22.65
N GLY B 43 -6.74 -16.10 22.63
CA GLY B 43 -6.42 -15.39 23.86
C GLY B 43 -5.52 -16.18 24.80
N GLY B 44 -4.48 -16.80 24.24
CA GLY B 44 -3.45 -17.46 25.03
C GLY B 44 -3.82 -18.84 25.53
N GLU B 45 -4.96 -19.36 25.08
CA GLU B 45 -5.37 -20.69 25.51
C GLU B 45 -5.98 -21.52 24.39
N TRP B 46 -5.81 -22.83 24.52
CA TRP B 46 -6.45 -23.78 23.62
C TRP B 46 -7.93 -23.89 23.98
N VAL B 47 -8.80 -23.69 22.98
CA VAL B 47 -10.24 -23.62 23.18
C VAL B 47 -10.86 -24.61 22.20
N ASP B 48 -11.55 -25.62 22.72
CA ASP B 48 -12.16 -26.65 21.88
C ASP B 48 -13.58 -26.24 21.45
N THR B 49 -14.10 -26.94 20.45
CA THR B 49 -15.44 -26.75 19.94
C THR B 49 -16.12 -28.11 19.87
N LYS B 50 -17.45 -28.10 19.74
CA LYS B 50 -18.24 -29.32 19.59
C LYS B 50 -17.91 -30.02 18.27
N GLU B 51 -17.96 -29.27 17.18
CA GLU B 51 -17.68 -29.81 15.86
C GLU B 51 -16.17 -29.91 15.63
N ARG B 52 -15.77 -30.86 14.80
CA ARG B 52 -14.36 -31.08 14.48
C ARG B 52 -14.11 -31.11 12.98
N MET B 53 -12.84 -30.97 12.61
CA MET B 53 -12.39 -31.13 11.23
C MET B 53 -11.43 -32.30 11.22
N VAL B 54 -11.45 -33.07 10.14
CA VAL B 54 -10.54 -34.21 9.99
C VAL B 54 -9.48 -33.86 8.93
N SER B 55 -8.23 -34.17 9.24
CA SER B 55 -7.15 -34.03 8.28
C SER B 55 -6.71 -35.41 7.80
N LEU B 56 -6.54 -35.54 6.49
CA LEU B 56 -6.25 -36.83 5.82
C LEU B 56 -4.83 -36.86 5.27
N ASN B 57 -4.31 -38.09 5.16
CA ASN B 57 -3.03 -38.31 4.52
C ASN B 57 -3.27 -38.43 3.01
N PRO B 58 -2.77 -37.47 2.19
CA PRO B 58 -3.09 -37.55 0.75
C PRO B 58 -2.41 -38.74 0.06
N SER B 59 -1.45 -39.37 0.74
CA SER B 59 -0.79 -40.57 0.21
C SER B 59 -1.57 -41.84 0.56
N ALA B 60 -2.51 -41.71 1.50
CA ALA B 60 -3.39 -42.82 1.93
C ALA B 60 -4.63 -42.20 2.58
N PRO B 61 -5.54 -41.68 1.75
CA PRO B 61 -6.59 -40.80 2.28
C PRO B 61 -7.59 -41.46 3.24
N SER B 62 -7.54 -42.78 3.36
CA SER B 62 -8.35 -43.45 4.38
C SER B 62 -7.72 -43.33 5.78
N GLU B 63 -6.51 -42.80 5.84
CA GLU B 63 -5.78 -42.61 7.08
C GLU B 63 -5.90 -41.16 7.57
N VAL B 64 -6.43 -41.00 8.77
CA VAL B 64 -6.57 -39.71 9.42
C VAL B 64 -5.25 -39.33 10.11
N VAL B 65 -4.75 -38.11 9.84
CA VAL B 65 -3.49 -37.66 10.47
C VAL B 65 -3.67 -36.78 11.70
N GLY B 66 -4.93 -36.37 11.93
CA GLY B 66 -5.29 -35.58 13.11
C GLY B 66 -6.66 -34.98 12.93
N THR B 67 -7.20 -34.45 14.02
CA THR B 67 -8.44 -33.70 13.97
C THR B 67 -8.22 -32.38 14.69
N THR B 68 -8.98 -31.36 14.29
CA THR B 68 -8.94 -30.07 14.98
C THR B 68 -10.34 -29.61 15.38
N ALA B 69 -10.40 -28.61 16.25
CA ALA B 69 -11.63 -27.87 16.47
C ALA B 69 -12.02 -27.13 15.18
N LYS B 70 -13.26 -26.63 15.14
CA LYS B 70 -13.76 -25.96 13.97
C LYS B 70 -14.36 -24.63 14.42
N ALA B 71 -13.78 -23.53 13.94
CA ALA B 71 -14.25 -22.19 14.31
C ALA B 71 -15.43 -21.78 13.45
N GLY B 72 -16.38 -21.06 14.06
CA GLY B 72 -17.43 -20.37 13.34
C GLY B 72 -17.35 -18.88 13.64
N LYS B 73 -18.41 -18.14 13.34
CA LYS B 73 -18.45 -16.68 13.57
C LYS B 73 -18.22 -16.29 15.02
N ALA B 74 -18.79 -17.04 15.96
CA ALA B 74 -18.69 -16.73 17.38
C ALA B 74 -17.24 -16.79 17.86
N GLU B 75 -16.52 -17.80 17.38
CA GLU B 75 -15.11 -17.96 17.76
C GLU B 75 -14.24 -16.90 17.07
N ALA B 76 -14.59 -16.55 15.82
CA ALA B 76 -13.93 -15.45 15.11
C ALA B 76 -14.09 -14.12 15.88
N GLU B 77 -15.29 -13.86 16.37
CA GLU B 77 -15.56 -12.65 17.14
C GLU B 77 -14.78 -12.64 18.47
N ALA B 78 -14.74 -13.78 19.15
CA ALA B 78 -13.95 -13.91 20.38
C ALA B 78 -12.46 -13.67 20.13
N ALA B 79 -11.93 -14.24 19.05
CA ALA B 79 -10.55 -14.02 18.63
C ALA B 79 -10.29 -12.55 18.31
N LEU B 80 -11.25 -11.90 17.66
CA LEU B 80 -11.09 -10.49 17.31
C LEU B 80 -11.04 -9.59 18.56
N GLU B 81 -11.96 -9.84 19.49
CA GLU B 81 -11.93 -9.15 20.78
C GLU B 81 -10.60 -9.36 21.49
N ALA B 82 -10.11 -10.60 21.48
CA ALA B 82 -8.85 -10.94 22.15
C ALA B 82 -7.69 -10.22 21.47
N ALA B 83 -7.72 -10.18 20.14
CA ALA B 83 -6.63 -9.56 19.39
C ALA B 83 -6.56 -8.05 19.63
N TRP B 84 -7.72 -7.38 19.67
CA TRP B 84 -7.71 -5.95 19.97
C TRP B 84 -7.30 -5.65 21.42
N LYS B 85 -7.76 -6.49 22.35
CA LYS B 85 -7.35 -6.32 23.74
C LYS B 85 -5.83 -6.43 23.87
N ALA B 86 -5.25 -7.44 23.21
CA ALA B 86 -3.80 -7.64 23.21
C ALA B 86 -3.06 -6.49 22.53
N PHE B 87 -3.63 -5.98 21.43
CA PHE B 87 -2.99 -4.87 20.67
C PHE B 87 -2.69 -3.66 21.55
N LYS B 88 -3.61 -3.35 22.47
CA LYS B 88 -3.49 -2.16 23.31
C LYS B 88 -2.17 -2.09 24.07
N THR B 89 -1.66 -3.25 24.51
CA THR B 89 -0.36 -3.32 25.19
C THR B 89 0.78 -3.85 24.30
N TRP B 90 0.50 -4.79 23.39
CA TRP B 90 1.54 -5.35 22.52
C TRP B 90 2.20 -4.28 21.65
N LYS B 91 1.43 -3.27 21.26
CA LYS B 91 1.95 -2.20 20.42
C LYS B 91 3.01 -1.37 21.15
N ASP B 92 2.98 -1.40 22.48
CA ASP B 92 3.85 -0.57 23.30
C ASP B 92 5.09 -1.32 23.78
N TRP B 93 5.19 -2.61 23.49
CA TRP B 93 6.42 -3.33 23.77
C TRP B 93 7.57 -2.67 23.02
N PRO B 94 8.74 -2.55 23.66
CA PRO B 94 9.91 -2.13 22.89
C PRO B 94 10.14 -3.09 21.73
N GLN B 95 10.58 -2.56 20.60
CA GLN B 95 10.87 -3.42 19.45
C GLN B 95 11.84 -4.54 19.81
N GLU B 96 12.86 -4.21 20.61
CA GLU B 96 13.84 -5.20 21.04
C GLU B 96 13.16 -6.39 21.73
N ASP B 97 12.13 -6.11 22.52
CA ASP B 97 11.41 -7.16 23.26
C ASP B 97 10.59 -8.04 22.33
N ARG B 98 9.89 -7.43 21.37
CA ARG B 98 9.13 -8.18 20.36
C ARG B 98 10.07 -9.03 19.49
N SER B 99 11.20 -8.46 19.07
CA SER B 99 12.14 -9.19 18.24
C SER B 99 12.74 -10.38 18.98
N ARG B 100 13.06 -10.20 20.28
CA ARG B 100 13.56 -11.33 21.08
C ARG B 100 12.51 -12.46 21.15
N LEU B 101 11.24 -12.10 21.23
CA LEU B 101 10.17 -13.10 21.26
C LEU B 101 10.20 -13.92 19.96
N LEU B 102 10.31 -13.24 18.83
CA LEU B 102 10.45 -13.95 17.55
C LEU B 102 11.66 -14.87 17.55
N LEU B 103 12.80 -14.36 18.00
CA LEU B 103 14.01 -15.19 18.01
C LEU B 103 13.85 -16.45 18.85
N LYS B 104 13.14 -16.31 19.98
CA LYS B 104 12.81 -17.47 20.79
C LYS B 104 11.94 -18.47 20.02
N ALA B 105 10.93 -17.97 19.32
CA ALA B 105 10.09 -18.84 18.47
C ALA B 105 10.92 -19.56 17.42
N ALA B 106 11.89 -18.88 16.80
CA ALA B 106 12.69 -19.52 15.76
C ALA B 106 13.54 -20.62 16.36
N ALA B 107 14.10 -20.36 17.55
CA ALA B 107 14.89 -21.37 18.27
C ALA B 107 14.06 -22.62 18.59
N LEU B 108 12.82 -22.43 19.02
CA LEU B 108 11.92 -23.54 19.32
C LEU B 108 11.56 -24.32 18.06
N MET B 109 11.33 -23.60 16.96
CA MET B 109 10.98 -24.24 15.70
C MET B 109 12.14 -25.06 15.19
N ARG B 110 13.35 -24.51 15.29
CA ARG B 110 14.58 -25.20 14.86
C ARG B 110 14.74 -26.52 15.62
N ARG B 111 14.40 -26.51 16.92
CA ARG B 111 14.52 -27.72 17.73
C ARG B 111 13.49 -28.80 17.38
N ARG B 112 12.43 -28.39 16.69
CA ARG B 112 11.35 -29.31 16.28
C ARG B 112 11.30 -29.52 14.75
N LYS B 113 12.41 -29.22 14.07
CA LYS B 113 12.48 -29.29 12.60
C LYS B 113 11.96 -30.61 12.03
N ARG B 114 12.51 -31.71 12.53
CA ARG B 114 12.19 -33.02 11.94
C ARG B 114 10.71 -33.37 12.15
N GLU B 115 10.19 -33.03 13.34
CA GLU B 115 8.79 -33.26 13.64
C GLU B 115 7.88 -32.48 12.68
N LEU B 116 8.22 -31.22 12.43
CA LEU B 116 7.40 -30.44 11.51
C LEU B 116 7.49 -30.97 10.09
N GLU B 117 8.71 -31.29 9.66
CA GLU B 117 8.92 -31.87 8.34
C GLU B 117 8.08 -33.14 8.16
N ALA B 118 8.17 -34.04 9.13
CA ALA B 118 7.44 -35.32 9.03
C ALA B 118 5.94 -35.07 9.00
N THR B 119 5.47 -34.04 9.71
CA THR B 119 4.06 -33.67 9.65
C THR B 119 3.65 -33.18 8.25
N LEU B 120 4.52 -32.39 7.61
CA LEU B 120 4.31 -31.98 6.21
C LEU B 120 4.25 -33.18 5.26
N VAL B 121 5.12 -34.16 5.51
CA VAL B 121 5.17 -35.35 4.69
C VAL B 121 3.79 -36.04 4.72
N TYR B 122 3.29 -36.29 5.93
CA TYR B 122 2.06 -37.05 6.09
C TYR B 122 0.82 -36.26 5.78
N GLU B 123 0.80 -34.97 6.13
CA GLU B 123 -0.43 -34.19 6.02
C GLU B 123 -0.65 -33.57 4.65
N VAL B 124 0.42 -33.12 3.98
CA VAL B 124 0.28 -32.45 2.69
C VAL B 124 1.08 -33.09 1.55
N GLY B 125 1.76 -34.21 1.84
CA GLY B 125 2.32 -35.02 0.77
C GLY B 125 3.60 -34.47 0.17
N LYS B 126 4.35 -33.75 0.98
CA LYS B 126 5.69 -33.32 0.57
C LYS B 126 6.71 -34.44 0.73
N ASN B 127 7.62 -34.55 -0.23
CA ASN B 127 8.75 -35.44 -0.03
C ASN B 127 9.73 -34.80 0.95
N TRP B 128 10.84 -35.46 1.23
CA TRP B 128 11.61 -35.10 2.41
C TRP B 128 12.28 -33.76 2.25
N VAL B 129 12.83 -33.51 1.06
CA VAL B 129 13.55 -32.24 0.83
C VAL B 129 12.58 -31.07 0.68
N GLU B 130 11.43 -31.28 0.03
CA GLU B 130 10.40 -30.26 0.00
C GLU B 130 9.93 -29.92 1.43
N ALA B 131 9.79 -30.94 2.28
CA ALA B 131 9.35 -30.69 3.65
C ALA B 131 10.41 -29.88 4.42
N SER B 132 11.68 -30.26 4.26
CA SER B 132 12.77 -29.55 4.95
C SER B 132 12.93 -28.10 4.48
N ALA B 133 12.76 -27.87 3.18
CA ALA B 133 12.82 -26.49 2.64
C ALA B 133 11.72 -25.63 3.25
N ASP B 134 10.53 -26.22 3.40
CA ASP B 134 9.36 -25.50 3.92
C ASP B 134 9.64 -25.04 5.35
N VAL B 135 10.08 -25.96 6.19
CA VAL B 135 10.35 -25.64 7.59
C VAL B 135 11.51 -24.66 7.71
N ALA B 136 12.53 -24.83 6.89
CA ALA B 136 13.70 -23.96 6.92
C ALA B 136 13.29 -22.52 6.53
N GLU B 137 12.37 -22.39 5.58
CA GLU B 137 11.88 -21.07 5.15
C GLU B 137 11.08 -20.40 6.26
N ALA B 138 10.29 -21.19 6.99
CA ALA B 138 9.57 -20.67 8.14
C ALA B 138 10.52 -20.06 9.17
N ILE B 139 11.54 -20.82 9.55
CA ILE B 139 12.60 -20.35 10.46
C ILE B 139 13.22 -19.07 9.92
N ASP B 140 13.53 -19.07 8.63
CA ASP B 140 14.09 -17.88 7.97
C ASP B 140 13.19 -16.64 8.12
N PHE B 141 11.88 -16.79 7.90
CA PHE B 141 10.98 -15.63 8.04
C PHE B 141 11.05 -15.07 9.44
N ILE B 142 11.07 -15.95 10.44
CA ILE B 142 11.13 -15.48 11.82
C ILE B 142 12.46 -14.73 12.10
N GLU B 143 13.58 -15.36 11.74
CA GLU B 143 14.90 -14.76 11.94
C GLU B 143 15.05 -13.43 11.19
N TYR B 144 14.56 -13.42 9.96
CA TYR B 144 14.70 -12.24 9.12
C TYR B 144 13.82 -11.09 9.61
N TYR B 145 12.54 -11.37 9.85
CA TYR B 145 11.64 -10.30 10.33
C TYR B 145 12.00 -9.78 11.72
N ALA B 146 12.55 -10.64 12.58
CA ALA B 146 12.98 -10.16 13.90
C ALA B 146 14.04 -9.06 13.75
N ARG B 147 14.95 -9.26 12.81
CA ARG B 147 16.03 -8.31 12.59
C ARG B 147 15.50 -7.11 11.80
N ALA B 148 14.70 -7.34 10.75
CA ALA B 148 14.21 -6.25 9.92
C ALA B 148 13.35 -5.26 10.71
N ALA B 149 12.59 -5.78 11.66
CA ALA B 149 11.69 -4.94 12.50
C ALA B 149 12.47 -3.88 13.27
N LEU B 150 13.71 -4.20 13.65
CA LEU B 150 14.55 -3.23 14.38
C LEU B 150 14.90 -2.01 13.53
N ARG B 151 14.92 -2.18 12.21
CA ARG B 151 15.18 -1.06 11.29
C ARG B 151 14.09 0.00 11.28
N TYR B 152 12.92 -0.35 11.81
CA TYR B 152 11.79 0.58 11.90
C TYR B 152 11.60 1.17 13.30
N ARG B 153 12.51 0.90 14.24
CA ARG B 153 12.24 1.27 15.64
C ARG B 153 12.24 2.78 15.89
N TYR B 154 11.51 3.18 16.94
CA TYR B 154 11.34 4.58 17.35
C TYR B 154 12.65 5.35 17.53
N PRO B 155 12.75 6.56 16.94
CA PRO B 155 11.96 7.12 15.84
C PRO B 155 12.71 6.99 14.50
N ALA B 156 12.20 6.18 13.57
CA ALA B 156 13.01 5.75 12.41
C ALA B 156 13.08 6.68 11.19
N VAL B 157 12.23 7.70 11.13
CA VAL B 157 12.03 8.41 9.86
C VAL B 157 13.01 9.57 9.73
N GLU B 158 13.62 9.65 8.56
CA GLU B 158 14.53 10.75 8.24
C GLU B 158 13.75 11.99 7.79
N VAL B 159 13.83 13.04 8.60
CA VAL B 159 13.12 14.29 8.31
C VAL B 159 14.08 15.49 8.27
N VAL B 160 13.61 16.57 7.67
CA VAL B 160 14.34 17.83 7.56
C VAL B 160 14.09 18.65 8.84
N PRO B 161 15.17 19.10 9.51
CA PRO B 161 14.91 19.93 10.70
C PRO B 161 14.38 21.32 10.42
N TYR B 162 13.82 21.92 11.46
CA TYR B 162 13.28 23.28 11.36
C TYR B 162 13.71 24.03 12.61
N PRO B 163 14.07 25.32 12.46
CA PRO B 163 14.51 26.12 13.62
C PRO B 163 13.48 26.17 14.76
N GLY B 164 14.01 26.01 15.97
CA GLY B 164 13.22 26.17 17.19
C GLY B 164 12.22 25.06 17.46
N GLU B 165 12.35 23.95 16.73
CA GLU B 165 11.40 22.83 16.87
C GLU B 165 12.13 21.52 16.88
N ASP B 166 11.54 20.55 17.58
CA ASP B 166 11.85 19.16 17.37
C ASP B 166 10.80 18.59 16.44
N ASN B 167 11.23 17.89 15.41
CA ASN B 167 10.31 17.22 14.51
C ASN B 167 10.62 15.75 14.49
N GLU B 168 9.65 14.95 14.91
CA GLU B 168 9.89 13.53 15.13
C GLU B 168 8.84 12.70 14.44
N SER B 169 9.27 11.96 13.42
CA SER B 169 8.38 11.02 12.75
C SER B 169 8.74 9.57 13.11
N PHE B 170 7.71 8.77 13.32
CA PHE B 170 7.94 7.39 13.75
C PHE B 170 6.81 6.48 13.27
N TYR B 171 7.08 5.18 13.25
CA TYR B 171 6.09 4.20 12.82
C TYR B 171 5.34 3.58 13.98
N VAL B 172 4.06 3.31 13.74
CA VAL B 172 3.23 2.60 14.70
C VAL B 172 2.48 1.48 13.97
N PRO B 173 2.21 0.37 14.68
CA PRO B 173 1.46 -0.71 14.03
C PRO B 173 -0.01 -0.34 13.81
N LEU B 174 -0.67 -1.11 12.94
CA LEU B 174 -2.04 -0.83 12.52
C LEU B 174 -3.10 -1.31 13.50
N GLY B 175 -2.98 -2.54 13.98
CA GLY B 175 -3.99 -3.09 14.87
C GLY B 175 -4.12 -4.57 14.69
N ALA B 176 -5.36 -5.06 14.78
CA ALA B 176 -5.64 -6.49 14.61
C ALA B 176 -6.06 -6.79 13.19
N GLY B 177 -5.50 -7.86 12.64
CA GLY B 177 -5.83 -8.24 11.28
C GLY B 177 -5.97 -9.75 11.15
N VAL B 178 -6.30 -10.18 9.94
CA VAL B 178 -6.53 -11.58 9.66
C VAL B 178 -5.55 -12.08 8.60
N VAL B 179 -5.02 -13.28 8.85
CA VAL B 179 -4.12 -13.98 7.96
C VAL B 179 -4.88 -15.18 7.40
N ILE B 180 -4.95 -15.27 6.08
CA ILE B 180 -5.55 -16.43 5.40
C ILE B 180 -4.42 -17.13 4.63
N ALA B 181 -4.06 -18.32 5.09
CA ALA B 181 -2.83 -19.02 4.70
C ALA B 181 -3.11 -20.18 3.74
N PRO B 182 -2.12 -20.53 2.90
CA PRO B 182 -2.25 -21.59 1.90
C PRO B 182 -1.88 -22.96 2.43
N TRP B 183 -2.30 -24.00 1.70
CA TRP B 183 -1.98 -25.37 2.07
C TRP B 183 -0.64 -25.84 1.55
N ASN B 184 -0.09 -25.13 0.56
CA ASN B 184 1.08 -25.64 -0.14
C ASN B 184 2.41 -25.33 0.56
N PHE B 185 2.42 -24.25 1.36
CA PHE B 185 3.53 -23.94 2.25
C PHE B 185 2.99 -23.63 3.64
N PRO B 186 2.43 -24.65 4.30
CA PRO B 186 1.66 -24.43 5.51
C PRO B 186 2.46 -24.30 6.80
N VAL B 187 3.79 -24.37 6.70
CA VAL B 187 4.63 -23.92 7.79
C VAL B 187 5.27 -22.58 7.38
N ALA B 188 5.97 -22.57 6.26
CA ALA B 188 6.68 -21.38 5.77
C ALA B 188 5.81 -20.13 5.65
N ILE B 189 4.79 -20.17 4.78
CA ILE B 189 3.98 -18.99 4.47
C ILE B 189 2.98 -18.67 5.59
N PHE B 190 2.42 -19.72 6.18
CA PHE B 190 1.64 -19.58 7.41
C PHE B 190 2.42 -18.75 8.46
N THR B 191 3.66 -19.13 8.71
CA THR B 191 4.48 -18.47 9.73
C THR B 191 4.85 -17.05 9.31
N GLY B 192 5.38 -16.92 8.09
CA GLY B 192 5.77 -15.57 7.59
C GLY B 192 4.64 -14.55 7.62
N MET B 193 3.47 -14.94 7.13
CA MET B 193 2.33 -14.03 7.10
C MET B 193 1.84 -13.58 8.49
N ILE B 194 2.05 -14.43 9.49
CA ILE B 194 1.70 -14.11 10.86
C ILE B 194 2.79 -13.26 11.54
N VAL B 195 4.03 -13.73 11.49
CA VAL B 195 5.08 -13.12 12.33
C VAL B 195 5.56 -11.78 11.80
N GLY B 196 5.42 -11.55 10.50
CA GLY B 196 5.78 -10.23 9.93
C GLY B 196 4.98 -9.11 10.59
N PRO B 197 3.64 -9.13 10.44
CA PRO B 197 2.82 -8.14 11.12
C PRO B 197 3.02 -8.12 12.63
N VAL B 198 3.13 -9.29 13.25
CA VAL B 198 3.21 -9.37 14.72
C VAL B 198 4.52 -8.75 15.25
N ALA B 199 5.61 -8.93 14.50
CA ALA B 199 6.93 -8.42 14.90
C ALA B 199 6.94 -6.93 15.21
N VAL B 200 6.21 -6.17 14.39
CA VAL B 200 6.17 -4.70 14.52
C VAL B 200 5.02 -4.18 15.39
N GLY B 201 4.28 -5.07 16.06
CA GLY B 201 3.29 -4.63 17.04
C GLY B 201 1.82 -4.84 16.66
N ASN B 202 1.55 -5.45 15.51
CA ASN B 202 0.18 -5.86 15.19
C ASN B 202 -0.19 -7.14 15.90
N THR B 203 -1.49 -7.45 15.90
CA THR B 203 -1.97 -8.75 16.40
C THR B 203 -2.70 -9.46 15.27
N VAL B 204 -2.77 -10.79 15.35
CA VAL B 204 -3.24 -11.57 14.21
C VAL B 204 -4.19 -12.70 14.57
N ILE B 205 -5.20 -12.85 13.72
CA ILE B 205 -6.03 -14.03 13.69
C ILE B 205 -5.71 -14.81 12.42
N ALA B 206 -5.25 -16.06 12.59
CA ALA B 206 -4.80 -16.88 11.48
C ALA B 206 -5.75 -18.02 11.18
N LYS B 207 -6.20 -18.07 9.93
CA LYS B 207 -7.00 -19.19 9.46
C LYS B 207 -6.10 -20.04 8.57
N PRO B 208 -5.76 -21.27 9.02
CA PRO B 208 -4.96 -22.15 8.19
C PRO B 208 -5.82 -22.70 7.06
N ALA B 209 -5.17 -23.21 6.02
CA ALA B 209 -5.89 -23.92 4.97
C ALA B 209 -6.44 -25.25 5.50
N GLU B 210 -7.63 -25.65 5.05
CA GLU B 210 -8.27 -26.88 5.55
C GLU B 210 -7.38 -28.12 5.48
N ASP B 211 -6.59 -28.24 4.42
CA ASP B 211 -5.75 -29.42 4.20
C ASP B 211 -4.52 -29.48 5.12
N ALA B 212 -4.27 -28.41 5.87
CA ALA B 212 -3.02 -28.31 6.64
C ALA B 212 -3.24 -27.79 8.06
N VAL B 213 -4.39 -28.14 8.64
CA VAL B 213 -4.76 -27.69 9.98
C VAL B 213 -3.88 -28.28 11.10
N VAL B 214 -3.42 -29.51 10.92
CA VAL B 214 -2.59 -30.14 11.96
C VAL B 214 -1.23 -29.44 12.10
N VAL B 215 -0.54 -29.23 10.97
CA VAL B 215 0.77 -28.60 11.03
C VAL B 215 0.66 -27.13 11.50
N GLY B 216 -0.44 -26.47 11.14
CA GLY B 216 -0.70 -25.13 11.64
C GLY B 216 -0.84 -25.11 13.14
N ALA B 217 -1.52 -26.12 13.69
CA ALA B 217 -1.65 -26.24 15.13
C ALA B 217 -0.30 -26.45 15.81
N LYS B 218 0.57 -27.23 15.18
CA LYS B 218 1.90 -27.48 15.73
C LYS B 218 2.74 -26.21 15.71
N VAL B 219 2.55 -25.36 14.70
CA VAL B 219 3.21 -24.05 14.71
C VAL B 219 2.68 -23.23 15.89
N PHE B 220 1.37 -23.30 16.15
CA PHE B 220 0.84 -22.62 17.31
C PHE B 220 1.34 -23.16 18.65
N GLU B 221 1.67 -24.44 18.71
CA GLU B 221 2.32 -24.97 19.92
C GLU B 221 3.61 -24.23 20.19
N ILE B 222 4.36 -23.96 19.13
CA ILE B 222 5.61 -23.21 19.20
C ILE B 222 5.37 -21.77 19.69
N PHE B 223 4.38 -21.09 19.09
CA PHE B 223 4.03 -19.74 19.52
C PHE B 223 3.65 -19.69 21.00
N HIS B 224 2.86 -20.66 21.44
CA HIS B 224 2.47 -20.73 22.84
C HIS B 224 3.67 -20.94 23.76
N GLU B 225 4.55 -21.86 23.38
CA GLU B 225 5.72 -22.12 24.22
C GLU B 225 6.65 -20.91 24.24
N ALA B 226 6.71 -20.18 23.13
CA ALA B 226 7.57 -18.99 23.04
C ALA B 226 7.09 -17.90 23.98
N GLY B 227 5.78 -17.87 24.21
CA GLY B 227 5.20 -16.97 25.20
C GLY B 227 4.64 -15.66 24.67
N PHE B 228 4.16 -15.68 23.41
CA PHE B 228 3.42 -14.53 22.90
C PHE B 228 2.27 -14.24 23.86
N PRO B 229 2.13 -12.97 24.30
CA PRO B 229 1.03 -12.64 25.22
C PRO B 229 -0.36 -13.05 24.69
N PRO B 230 -1.31 -13.33 25.61
CA PRO B 230 -2.66 -13.73 25.19
C PRO B 230 -3.28 -12.75 24.18
N GLY B 231 -3.76 -13.28 23.06
CA GLY B 231 -4.43 -12.47 22.05
C GLY B 231 -3.55 -12.01 20.90
N VAL B 232 -2.24 -12.09 21.08
CA VAL B 232 -1.32 -11.59 20.03
C VAL B 232 -1.40 -12.43 18.74
N VAL B 233 -1.48 -13.75 18.89
CA VAL B 233 -1.66 -14.65 17.75
C VAL B 233 -2.80 -15.61 18.09
N ASN B 234 -3.67 -15.85 17.12
CA ASN B 234 -4.85 -16.68 17.35
C ASN B 234 -5.03 -17.60 16.15
N PHE B 235 -5.52 -18.82 16.43
CA PHE B 235 -5.57 -19.92 15.47
C PHE B 235 -7.01 -20.41 15.31
N LEU B 236 -7.55 -20.25 14.12
CA LEU B 236 -8.95 -20.53 13.83
C LEU B 236 -9.13 -21.39 12.59
N PRO B 237 -8.80 -22.70 12.68
CA PRO B 237 -9.14 -23.63 11.60
C PRO B 237 -10.66 -23.63 11.36
N GLY B 238 -11.06 -23.68 10.09
CA GLY B 238 -12.48 -23.59 9.75
C GLY B 238 -12.78 -24.27 8.43
N VAL B 239 -14.05 -24.63 8.24
CA VAL B 239 -14.49 -25.24 7.00
C VAL B 239 -15.18 -24.21 6.11
N GLY B 240 -14.70 -24.13 4.87
CA GLY B 240 -15.28 -23.23 3.88
C GLY B 240 -15.03 -21.77 4.18
N GLU B 241 -15.88 -20.92 3.61
CA GLU B 241 -15.66 -19.48 3.64
C GLU B 241 -16.16 -18.73 4.88
N GLU B 242 -16.88 -19.40 5.79
CA GLU B 242 -17.51 -18.73 6.94
C GLU B 242 -16.57 -17.80 7.72
N VAL B 243 -15.46 -18.34 8.20
CA VAL B 243 -14.59 -17.61 9.12
C VAL B 243 -13.90 -16.48 8.37
N GLY B 244 -13.34 -16.83 7.21
CA GLY B 244 -12.66 -15.86 6.35
C GLY B 244 -13.53 -14.71 5.89
N ALA B 245 -14.74 -15.01 5.42
CA ALA B 245 -15.67 -13.95 4.99
C ALA B 245 -16.04 -13.04 6.16
N TYR B 246 -16.42 -13.63 7.29
CA TYR B 246 -16.78 -12.88 8.48
C TYR B 246 -15.71 -11.85 8.84
N LEU B 247 -14.45 -12.27 8.82
CA LEU B 247 -13.34 -11.39 9.22
C LEU B 247 -12.97 -10.38 8.13
N VAL B 248 -12.85 -10.84 6.90
CA VAL B 248 -12.53 -9.96 5.79
C VAL B 248 -13.51 -8.79 5.70
N GLU B 249 -14.80 -9.08 5.95
CA GLU B 249 -15.86 -8.07 5.82
C GLU B 249 -16.12 -7.27 7.09
N HIS B 250 -15.46 -7.64 8.18
CA HIS B 250 -15.73 -7.10 9.51
C HIS B 250 -15.31 -5.64 9.58
N PRO B 251 -16.15 -4.76 10.18
CA PRO B 251 -15.69 -3.37 10.28
C PRO B 251 -14.46 -3.17 11.15
N ARG B 252 -14.18 -4.13 12.03
CA ARG B 252 -13.09 -4.00 13.02
C ARG B 252 -11.86 -4.82 12.72
N ILE B 253 -11.77 -5.31 11.48
CA ILE B 253 -10.56 -5.92 10.98
C ILE B 253 -9.74 -4.83 10.27
N ARG B 254 -8.48 -4.67 10.70
CA ARG B 254 -7.67 -3.55 10.21
C ARG B 254 -6.95 -3.84 8.91
N PHE B 255 -6.52 -5.09 8.76
CA PHE B 255 -5.80 -5.50 7.57
C PHE B 255 -6.04 -6.98 7.30
N ILE B 256 -5.76 -7.37 6.05
CA ILE B 256 -5.94 -8.75 5.59
C ILE B 256 -4.68 -9.17 4.87
N ASN B 257 -4.08 -10.28 5.30
CA ASN B 257 -2.88 -10.79 4.65
C ASN B 257 -3.27 -12.15 4.10
N PHE B 258 -3.23 -12.27 2.78
CA PHE B 258 -3.74 -13.45 2.06
C PHE B 258 -2.76 -14.01 1.03
N THR B 259 -2.63 -15.33 1.03
CA THR B 259 -1.93 -16.06 -0.05
C THR B 259 -2.80 -17.23 -0.46
N GLY B 260 -3.12 -17.32 -1.75
CA GLY B 260 -3.98 -18.38 -2.28
C GLY B 260 -4.37 -18.13 -3.71
N SER B 261 -5.53 -18.65 -4.11
CA SER B 261 -6.00 -18.54 -5.50
C SER B 261 -6.41 -17.12 -5.88
N LEU B 262 -6.29 -16.82 -7.17
CA LEU B 262 -6.75 -15.54 -7.71
C LEU B 262 -8.24 -15.32 -7.48
N GLU B 263 -9.05 -16.36 -7.66
CA GLU B 263 -10.50 -16.26 -7.44
C GLU B 263 -10.79 -15.66 -6.08
N VAL B 264 -10.16 -16.22 -5.04
CA VAL B 264 -10.39 -15.76 -3.68
C VAL B 264 -9.74 -14.39 -3.45
N GLY B 265 -8.54 -14.19 -4.00
CA GLY B 265 -7.84 -12.91 -3.87
C GLY B 265 -8.60 -11.71 -4.42
N LEU B 266 -9.22 -11.90 -5.57
CA LEU B 266 -10.02 -10.86 -6.18
C LEU B 266 -11.20 -10.49 -5.27
N LYS B 267 -11.88 -11.50 -4.72
CA LYS B 267 -12.97 -11.28 -3.76
C LYS B 267 -12.51 -10.53 -2.50
N ILE B 268 -11.36 -10.92 -1.96
CA ILE B 268 -10.81 -10.28 -0.78
C ILE B 268 -10.49 -8.82 -1.07
N TYR B 269 -9.78 -8.56 -2.17
CA TYR B 269 -9.43 -7.19 -2.50
C TYR B 269 -10.67 -6.30 -2.68
N GLU B 270 -11.70 -6.84 -3.34
CA GLU B 270 -12.90 -6.07 -3.57
C GLU B 270 -13.58 -5.75 -2.25
N ALA B 271 -13.73 -6.75 -1.40
CA ALA B 271 -14.30 -6.56 -0.07
C ALA B 271 -13.53 -5.54 0.78
N ALA B 272 -12.21 -5.62 0.72
CA ALA B 272 -11.35 -4.73 1.52
C ALA B 272 -11.55 -3.26 1.11
N GLY B 273 -11.98 -3.05 -0.12
CA GLY B 273 -12.19 -1.71 -0.63
C GLY B 273 -13.45 -1.04 -0.11
N ARG B 274 -14.33 -1.83 0.51
CA ARG B 274 -15.63 -1.36 1.02
C ARG B 274 -15.59 -0.91 2.48
N LEU B 275 -16.37 0.11 2.79
CA LEU B 275 -16.54 0.56 4.18
C LEU B 275 -17.70 -0.21 4.82
N ALA B 276 -17.39 -1.22 5.64
CA ALA B 276 -18.44 -1.93 6.38
C ALA B 276 -19.17 -0.97 7.34
N PRO B 277 -20.43 -1.26 7.65
CA PRO B 277 -21.10 -0.31 8.54
C PRO B 277 -20.34 -0.13 9.85
N GLY B 278 -20.06 1.14 10.18
CA GLY B 278 -19.36 1.47 11.41
C GLY B 278 -17.84 1.45 11.34
N GLN B 279 -17.29 1.01 10.19
CA GLN B 279 -15.84 0.98 9.98
C GLN B 279 -15.24 2.38 9.99
N THR B 280 -14.09 2.54 10.63
CA THR B 280 -13.49 3.87 10.77
C THR B 280 -12.08 3.94 10.18
N TRP B 281 -11.81 3.12 9.16
CA TRP B 281 -10.54 3.15 8.45
C TRP B 281 -10.65 2.59 7.05
N PHE B 282 -9.60 2.86 6.26
CA PHE B 282 -9.44 2.22 4.95
C PHE B 282 -8.65 0.94 5.16
N LYS B 283 -9.28 -0.21 4.89
CA LYS B 283 -8.58 -1.49 5.10
C LYS B 283 -7.40 -1.65 4.16
N ARG B 284 -6.32 -2.26 4.68
CA ARG B 284 -5.22 -2.70 3.82
C ARG B 284 -5.38 -4.19 3.58
N ALA B 285 -5.24 -4.59 2.32
CA ALA B 285 -5.28 -6.00 1.93
C ALA B 285 -4.06 -6.31 1.08
N TYR B 286 -3.30 -7.31 1.52
CA TYR B 286 -2.14 -7.77 0.81
C TYR B 286 -2.44 -9.17 0.29
N VAL B 287 -2.34 -9.32 -1.03
CA VAL B 287 -2.69 -10.60 -1.65
C VAL B 287 -1.57 -11.11 -2.55
N GLU B 288 -1.27 -12.41 -2.44
CA GLU B 288 -0.39 -13.08 -3.38
C GLU B 288 -1.22 -14.21 -3.97
N THR B 289 -1.38 -14.19 -5.29
CA THR B 289 -2.50 -14.88 -5.94
C THR B 289 -2.12 -15.82 -7.08
N GLY B 290 -0.87 -16.29 -7.09
CA GLY B 290 -0.44 -17.34 -8.00
C GLY B 290 0.25 -16.84 -9.24
N GLY B 291 0.51 -17.76 -10.17
CA GLY B 291 1.22 -17.41 -11.40
C GLY B 291 0.98 -18.39 -12.51
N LYS B 292 1.45 -18.03 -13.70
CA LYS B 292 1.53 -18.96 -14.83
C LYS B 292 2.94 -18.78 -15.35
N ASP B 293 3.87 -19.39 -14.63
CA ASP B 293 5.29 -19.08 -14.77
C ASP B 293 5.98 -19.86 -15.87
N ALA B 294 6.80 -19.17 -16.66
CA ALA B 294 7.51 -19.75 -17.79
C ALA B 294 9.00 -19.78 -17.57
N ILE B 295 9.64 -20.82 -18.12
CA ILE B 295 11.09 -20.80 -18.37
C ILE B 295 11.29 -20.71 -19.86
N ILE B 296 12.11 -19.75 -20.30
CA ILE B 296 12.53 -19.61 -21.69
C ILE B 296 13.88 -20.27 -21.83
N VAL B 297 14.05 -21.08 -22.87
CA VAL B 297 15.37 -21.58 -23.20
C VAL B 297 15.66 -21.21 -24.65
N ASP B 298 16.84 -20.62 -24.88
CA ASP B 298 17.28 -20.34 -26.25
C ASP B 298 18.39 -21.30 -26.70
N GLU B 299 18.79 -21.15 -27.97
CA GLU B 299 19.70 -22.12 -28.58
C GLU B 299 21.14 -22.05 -28.07
N THR B 300 21.45 -21.02 -27.26
CA THR B 300 22.79 -20.83 -26.71
C THR B 300 22.94 -21.47 -25.33
N ALA B 301 21.84 -21.98 -24.77
CA ALA B 301 21.84 -22.51 -23.40
C ALA B 301 22.60 -23.81 -23.24
N ASP B 302 22.96 -24.09 -22.00
CA ASP B 302 23.39 -25.43 -21.59
C ASP B 302 22.11 -26.27 -21.49
N PHE B 303 21.86 -27.10 -22.50
CA PHE B 303 20.58 -27.81 -22.58
C PHE B 303 20.36 -28.82 -21.46
N ASP B 304 21.44 -29.46 -21.00
CA ASP B 304 21.35 -30.39 -19.86
C ASP B 304 21.01 -29.64 -18.58
N LEU B 305 21.66 -28.49 -18.38
CA LEU B 305 21.41 -27.65 -17.22
C LEU B 305 19.96 -27.19 -17.27
N ALA B 306 19.53 -26.74 -18.44
CA ALA B 306 18.15 -26.27 -18.62
C ALA B 306 17.12 -27.35 -18.31
N ALA B 307 17.31 -28.53 -18.89
CA ALA B 307 16.39 -29.63 -18.66
C ALA B 307 16.25 -29.98 -17.17
N GLU B 308 17.36 -29.99 -16.44
CA GLU B 308 17.32 -30.28 -15.00
C GLU B 308 16.51 -29.23 -14.23
N GLY B 309 16.81 -27.96 -14.50
CA GLY B 309 16.13 -26.85 -13.84
C GLY B 309 14.64 -26.81 -14.16
N VAL B 310 14.30 -27.14 -15.41
CA VAL B 310 12.89 -27.21 -15.84
C VAL B 310 12.15 -28.31 -15.07
N VAL B 311 12.75 -29.49 -14.98
CA VAL B 311 12.09 -30.60 -14.30
C VAL B 311 11.91 -30.31 -12.79
N VAL B 312 12.94 -29.75 -12.16
CA VAL B 312 12.86 -29.33 -10.76
C VAL B 312 11.72 -28.32 -10.58
N SER B 313 11.70 -27.33 -11.48
CA SER B 313 10.75 -26.23 -11.38
C SER B 313 9.31 -26.64 -11.65
N ALA B 314 9.12 -27.55 -12.62
CA ALA B 314 7.79 -27.96 -13.04
C ALA B 314 7.14 -28.96 -12.08
N TYR B 315 7.98 -29.84 -11.52
CA TYR B 315 7.48 -31.00 -10.80
C TYR B 315 7.78 -31.06 -9.31
N GLY B 316 8.62 -30.16 -8.81
CA GLY B 316 8.83 -30.08 -7.37
C GLY B 316 7.52 -29.89 -6.63
N PHE B 317 7.32 -30.63 -5.54
CA PHE B 317 6.01 -30.65 -4.81
C PHE B 317 4.82 -30.77 -5.78
N GLN B 318 5.02 -31.60 -6.79
CA GLN B 318 3.97 -31.97 -7.72
C GLN B 318 3.44 -30.78 -8.53
N GLY B 319 4.27 -29.75 -8.69
CA GLY B 319 3.87 -28.52 -9.36
C GLY B 319 2.87 -27.65 -8.60
N GLN B 320 2.67 -27.95 -7.32
CA GLN B 320 1.70 -27.23 -6.49
C GLN B 320 2.37 -26.02 -5.85
N LYS B 321 2.96 -25.16 -6.70
CA LYS B 321 3.63 -23.96 -6.21
C LYS B 321 3.23 -22.79 -7.08
N SER B 323 5.12 -20.59 -7.81
CA SER B 323 6.36 -20.33 -8.53
C SER B 323 6.69 -21.38 -9.59
N ALA B 324 5.90 -22.45 -9.65
CA ALA B 324 6.22 -23.59 -10.51
C ALA B 324 6.30 -23.21 -11.99
N ALA B 325 7.25 -23.80 -12.70
CA ALA B 325 7.29 -23.67 -14.15
C ALA B 325 6.17 -24.51 -14.75
N SER B 326 5.13 -23.85 -15.24
CA SER B 326 4.02 -24.53 -15.92
C SER B 326 4.05 -24.28 -17.43
N ARG B 327 4.96 -23.42 -17.88
CA ARG B 327 5.17 -23.16 -19.30
C ARG B 327 6.66 -23.29 -19.60
N LEU B 328 6.97 -23.95 -20.72
CA LEU B 328 8.34 -24.06 -21.22
C LEU B 328 8.35 -23.44 -22.61
N ILE B 329 9.00 -22.30 -22.73
CA ILE B 329 9.01 -21.57 -24.00
C ILE B 329 10.35 -21.82 -24.68
N LEU B 330 10.32 -22.51 -25.84
CA LEU B 330 11.55 -22.90 -26.53
C LEU B 330 11.69 -22.21 -27.87
N THR B 331 12.80 -21.49 -28.08
CA THR B 331 13.11 -20.98 -29.41
C THR B 331 13.37 -22.15 -30.35
N GLN B 332 13.25 -21.91 -31.65
CA GLN B 332 13.40 -22.96 -32.64
C GLN B 332 14.65 -23.85 -32.49
N GLY B 333 15.82 -23.23 -32.32
CA GLY B 333 17.08 -23.96 -32.14
C GLY B 333 17.17 -24.74 -30.84
N ALA B 334 16.37 -24.37 -29.85
CA ALA B 334 16.36 -25.05 -28.55
C ALA B 334 15.32 -26.16 -28.46
N TYR B 335 14.31 -26.11 -29.32
CA TYR B 335 13.14 -26.94 -29.14
C TYR B 335 13.42 -28.44 -28.99
N GLU B 336 13.96 -29.07 -30.04
CA GLU B 336 14.18 -30.51 -30.01
C GLU B 336 15.20 -30.94 -28.92
N PRO B 337 16.39 -30.29 -28.88
CA PRO B 337 17.36 -30.72 -27.87
C PRO B 337 16.85 -30.60 -26.43
N VAL B 338 16.12 -29.52 -26.13
CA VAL B 338 15.63 -29.32 -24.77
C VAL B 338 14.44 -30.22 -24.46
N LEU B 339 13.49 -30.31 -25.39
CA LEU B 339 12.33 -31.16 -25.17
C LEU B 339 12.71 -32.64 -24.95
N GLU B 340 13.64 -33.15 -25.76
CA GLU B 340 14.13 -34.53 -25.61
C GLU B 340 14.75 -34.78 -24.23
N ARG B 341 15.52 -33.82 -23.74
CA ARG B 341 16.14 -33.96 -22.42
C ARG B 341 15.13 -33.86 -21.28
N VAL B 342 14.17 -32.94 -21.41
CA VAL B 342 13.10 -32.78 -20.43
C VAL B 342 12.28 -34.08 -20.35
N LEU B 343 11.94 -34.64 -21.50
CA LEU B 343 11.16 -35.89 -21.51
C LEU B 343 11.92 -37.06 -20.88
N LYS B 344 13.19 -37.22 -21.22
CA LYS B 344 14.05 -38.27 -20.64
C LYS B 344 14.18 -38.16 -19.12
N ARG B 345 14.35 -36.92 -18.62
CA ARG B 345 14.42 -36.70 -17.18
C ARG B 345 13.08 -36.94 -16.50
N ALA B 346 12.02 -36.37 -17.06
CA ALA B 346 10.70 -36.44 -16.45
C ALA B 346 10.17 -37.87 -16.41
N GLU B 347 10.46 -38.66 -17.45
CA GLU B 347 9.99 -40.04 -17.50
C GLU B 347 10.64 -40.93 -16.43
N ARG B 348 11.78 -40.52 -15.90
CA ARG B 348 12.47 -41.23 -14.82
C ARG B 348 12.03 -40.85 -13.40
N LEU B 349 11.14 -39.87 -13.28
CA LEU B 349 10.68 -39.44 -11.95
C LEU B 349 9.79 -40.48 -11.27
N SER B 350 10.07 -40.75 -9.99
CA SER B 350 9.22 -41.65 -9.21
C SER B 350 8.02 -40.90 -8.64
N VAL B 351 6.90 -41.60 -8.52
CA VAL B 351 5.69 -41.07 -7.89
C VAL B 351 5.18 -42.09 -6.90
N GLY B 352 4.95 -41.67 -5.67
CA GLY B 352 4.41 -42.57 -4.67
C GLY B 352 4.17 -41.92 -3.33
N PRO B 353 3.89 -42.73 -2.30
CA PRO B 353 3.67 -42.22 -0.96
C PRO B 353 4.83 -41.30 -0.52
N ALA B 354 4.49 -40.10 -0.05
CA ALA B 354 5.50 -39.06 0.25
C ALA B 354 6.56 -39.50 1.24
N GLU B 355 6.18 -40.32 2.20
CA GLU B 355 7.13 -40.76 3.22
C GLU B 355 8.30 -41.57 2.66
N GLU B 356 8.12 -42.12 1.47
CA GLU B 356 9.19 -42.90 0.82
C GLU B 356 10.19 -42.02 0.07
N ASN B 357 10.01 -40.70 0.19
CA ASN B 357 10.85 -39.71 -0.48
C ASN B 357 10.91 -39.90 -2.00
N PRO B 358 9.74 -40.01 -2.65
CA PRO B 358 9.71 -40.13 -4.10
C PRO B 358 10.00 -38.75 -4.68
N ASP B 359 10.25 -38.70 -5.99
CA ASP B 359 10.39 -37.39 -6.64
C ASP B 359 9.10 -36.60 -6.54
N LEU B 360 7.97 -37.29 -6.70
CA LEU B 360 6.65 -36.68 -6.49
C LEU B 360 5.83 -37.49 -5.50
N GLY B 361 5.24 -36.80 -4.53
CA GLY B 361 4.16 -37.40 -3.76
C GLY B 361 2.82 -37.25 -4.47
N PRO B 362 1.72 -37.36 -3.71
CA PRO B 362 0.40 -37.17 -4.31
C PRO B 362 0.07 -35.70 -4.39
N VAL B 363 -0.92 -35.32 -5.21
CA VAL B 363 -1.50 -33.98 -5.04
C VAL B 363 -2.29 -33.97 -3.73
N VAL B 364 -2.66 -32.79 -3.27
CA VAL B 364 -3.01 -32.63 -1.85
C VAL B 364 -4.37 -33.19 -1.42
N SER B 365 -5.30 -33.32 -2.36
CA SER B 365 -6.68 -33.65 -2.01
C SER B 365 -7.44 -34.20 -3.19
N ALA B 366 -8.58 -34.82 -2.89
CA ALA B 366 -9.49 -35.32 -3.93
C ALA B 366 -9.92 -34.19 -4.86
N GLU B 367 -10.14 -33.01 -4.28
CA GLU B 367 -10.55 -31.84 -5.06
C GLU B 367 -9.42 -31.37 -5.97
N GLN B 368 -8.19 -31.36 -5.45
CA GLN B 368 -7.03 -31.03 -6.27
C GLN B 368 -6.84 -32.02 -7.40
N GLU B 369 -7.00 -33.31 -7.08
CA GLU B 369 -6.92 -34.36 -8.08
C GLU B 369 -7.93 -34.12 -9.19
N ARG B 370 -9.17 -33.80 -8.80
CA ARG B 370 -10.25 -33.54 -9.74
C ARG B 370 -9.91 -32.37 -10.68
N LYS B 371 -9.39 -31.28 -10.10
CA LYS B 371 -9.01 -30.08 -10.85
C LYS B 371 -7.89 -30.38 -11.86
N VAL B 372 -6.85 -31.09 -11.41
CA VAL B 372 -5.71 -31.38 -12.28
C VAL B 372 -6.10 -32.33 -13.42
N LEU B 373 -6.88 -33.36 -13.11
CA LEU B 373 -7.36 -34.27 -14.16
C LEU B 373 -8.27 -33.58 -15.16
N SER B 374 -9.06 -32.62 -14.68
CA SER B 374 -9.92 -31.84 -15.58
C SER B 374 -9.10 -30.99 -16.55
N TYR B 375 -8.05 -30.34 -16.05
CA TYR B 375 -7.16 -29.59 -16.94
C TYR B 375 -6.43 -30.48 -17.95
N ILE B 376 -6.11 -31.71 -17.54
CA ILE B 376 -5.52 -32.70 -18.45
C ILE B 376 -6.49 -33.00 -19.62
N GLU B 377 -7.77 -33.16 -19.30
CA GLU B 377 -8.80 -33.31 -20.33
C GLU B 377 -8.89 -32.10 -21.26
N ILE B 378 -8.80 -30.90 -20.68
CA ILE B 378 -8.79 -29.67 -21.46
C ILE B 378 -7.55 -29.64 -22.38
N GLY B 379 -6.39 -29.96 -21.81
CA GLY B 379 -5.12 -29.97 -22.55
C GLY B 379 -5.09 -30.90 -23.76
N LYS B 380 -5.76 -32.05 -23.64
CA LYS B 380 -5.83 -33.00 -24.75
C LYS B 380 -6.54 -32.41 -25.97
N ASN B 381 -7.36 -31.39 -25.75
CA ASN B 381 -8.04 -30.71 -26.84
C ASN B 381 -7.26 -29.51 -27.36
N GLU B 382 -6.28 -29.06 -26.59
CA GLU B 382 -5.54 -27.84 -26.93
C GLU B 382 -4.14 -28.10 -27.45
N GLY B 383 -3.46 -29.08 -26.85
CA GLY B 383 -2.09 -29.44 -27.22
C GLY B 383 -1.95 -30.92 -27.45
N GLN B 384 -0.70 -31.38 -27.52
CA GLN B 384 -0.40 -32.79 -27.77
C GLN B 384 0.17 -33.42 -26.51
N LEU B 385 -0.53 -34.39 -25.95
CA LEU B 385 -0.02 -35.10 -24.77
C LEU B 385 1.15 -35.99 -25.19
N VAL B 386 2.30 -35.77 -24.55
CA VAL B 386 3.51 -36.58 -24.87
C VAL B 386 4.09 -37.37 -23.70
N LEU B 387 3.68 -37.02 -22.48
CA LEU B 387 4.10 -37.74 -21.28
C LEU B 387 3.02 -37.66 -20.22
N GLY B 388 2.80 -38.78 -19.55
CA GLY B 388 1.92 -38.80 -18.38
C GLY B 388 0.46 -38.61 -18.70
N GLY B 389 -0.16 -37.69 -17.97
CA GLY B 389 -1.57 -37.35 -18.17
C GLY B 389 -2.57 -38.31 -17.55
N LYS B 390 -2.12 -39.13 -16.60
CA LYS B 390 -3.04 -40.03 -15.92
C LYS B 390 -2.80 -40.19 -14.44
N ARG B 391 -3.87 -40.60 -13.75
CA ARG B 391 -3.84 -41.02 -12.38
C ARG B 391 -3.04 -42.30 -12.31
N LEU B 392 -2.26 -42.47 -11.24
CA LEU B 392 -1.53 -43.71 -11.01
C LEU B 392 -2.25 -44.52 -9.95
N GLU B 393 -1.99 -45.82 -9.91
CA GLU B 393 -2.70 -46.74 -9.05
C GLU B 393 -2.48 -46.49 -7.55
N GLY B 394 -3.56 -46.62 -6.78
CA GLY B 394 -3.52 -46.47 -5.33
C GLY B 394 -4.57 -45.47 -4.87
N GLU B 395 -4.95 -45.52 -3.61
CA GLU B 395 -5.99 -44.59 -3.15
C GLU B 395 -5.43 -43.18 -3.01
N GLY B 396 -4.13 -43.07 -2.74
CA GLY B 396 -3.43 -41.78 -2.74
C GLY B 396 -3.59 -41.03 -4.04
N TYR B 397 -3.58 -39.71 -3.98
CA TYR B 397 -3.87 -38.89 -5.16
C TYR B 397 -2.66 -38.72 -6.08
N PHE B 398 -2.15 -39.83 -6.60
CA PHE B 398 -0.95 -39.86 -7.42
C PHE B 398 -1.24 -39.52 -8.90
N ILE B 399 -0.62 -38.46 -9.39
CA ILE B 399 -0.71 -38.09 -10.79
C ILE B 399 0.68 -38.08 -11.42
N ALA B 400 0.77 -38.63 -12.62
CA ALA B 400 2.03 -38.74 -13.35
C ALA B 400 2.50 -37.36 -13.84
N PRO B 401 3.82 -37.10 -13.79
CA PRO B 401 4.36 -35.90 -14.43
C PRO B 401 3.88 -35.83 -15.87
N THR B 402 3.32 -34.69 -16.24
CA THR B 402 2.61 -34.53 -17.51
C THR B 402 3.24 -33.44 -18.38
N VAL B 403 3.39 -33.74 -19.67
CA VAL B 403 3.89 -32.77 -20.65
C VAL B 403 2.95 -32.70 -21.85
N PHE B 404 2.49 -31.49 -22.15
CA PHE B 404 1.83 -31.18 -23.44
C PHE B 404 2.77 -30.36 -24.32
N THR B 405 2.79 -30.65 -25.62
CA THR B 405 3.59 -29.91 -26.58
C THR B 405 2.69 -29.25 -27.62
N GLU B 406 3.28 -28.38 -28.44
CA GLU B 406 2.57 -27.64 -29.49
C GLU B 406 1.34 -26.90 -28.93
N VAL B 407 1.50 -26.37 -27.71
CA VAL B 407 0.42 -25.67 -27.02
C VAL B 407 0.37 -24.22 -27.53
N PRO B 408 -0.81 -23.78 -28.02
CA PRO B 408 -0.94 -22.38 -28.43
C PRO B 408 -0.82 -21.46 -27.21
N PRO B 409 -0.07 -20.35 -27.33
CA PRO B 409 0.15 -19.44 -26.20
C PRO B 409 -1.13 -18.99 -25.50
N LYS B 410 -2.25 -18.95 -26.22
CA LYS B 410 -3.53 -18.49 -25.62
C LYS B 410 -4.49 -19.62 -25.23
N ALA B 411 -4.00 -20.86 -25.28
CA ALA B 411 -4.75 -22.02 -24.77
C ALA B 411 -5.00 -21.89 -23.28
N ARG B 412 -6.10 -22.47 -22.80
CA ARG B 412 -6.42 -22.44 -21.37
C ARG B 412 -5.27 -23.02 -20.53
N ILE B 413 -4.68 -24.12 -21.00
CA ILE B 413 -3.56 -24.73 -20.26
C ILE B 413 -2.27 -23.89 -20.31
N ALA B 414 -2.26 -22.88 -21.18
CA ALA B 414 -1.13 -21.96 -21.26
C ALA B 414 -1.42 -20.63 -20.54
N GLN B 415 -2.61 -20.49 -19.98
CA GLN B 415 -3.04 -19.23 -19.38
C GLN B 415 -3.49 -19.36 -17.93
N GLU B 416 -4.07 -20.52 -17.61
CA GLU B 416 -4.72 -20.74 -16.32
C GLU B 416 -3.85 -21.57 -15.38
N GLU B 417 -3.86 -21.22 -14.10
CA GLU B 417 -3.00 -21.87 -13.12
C GLU B 417 -3.58 -23.23 -12.74
N ILE B 418 -2.89 -24.29 -13.17
CA ILE B 418 -3.33 -25.67 -12.92
C ILE B 418 -2.94 -26.17 -11.53
N PHE B 419 -1.76 -25.79 -11.06
CA PHE B 419 -1.31 -26.12 -9.70
C PHE B 419 -1.20 -27.65 -9.52
N GLY B 420 -0.65 -28.29 -10.55
CA GLY B 420 -0.42 -29.73 -10.58
C GLY B 420 0.79 -29.99 -11.47
N PRO B 421 1.18 -31.28 -11.63
CA PRO B 421 2.40 -31.59 -12.38
C PRO B 421 2.15 -31.63 -13.89
N VAL B 422 1.84 -30.47 -14.46
CA VAL B 422 1.46 -30.35 -15.85
C VAL B 422 2.26 -29.23 -16.51
N LEU B 423 3.15 -29.60 -17.42
CA LEU B 423 3.97 -28.61 -18.12
C LEU B 423 3.47 -28.45 -19.56
N SER B 424 3.29 -27.20 -20.00
CA SER B 424 2.91 -26.88 -21.39
C SER B 424 4.11 -26.32 -22.13
N VAL B 425 4.44 -26.93 -23.26
CA VAL B 425 5.63 -26.57 -24.04
C VAL B 425 5.20 -25.77 -25.26
N ILE B 426 5.79 -24.59 -25.43
CA ILE B 426 5.41 -23.64 -26.47
C ILE B 426 6.65 -23.35 -27.35
N ARG B 427 6.50 -23.52 -28.66
CA ARG B 427 7.61 -23.28 -29.58
C ARG B 427 7.47 -21.87 -30.13
N VAL B 428 8.57 -21.13 -30.12
CA VAL B 428 8.59 -19.77 -30.64
C VAL B 428 9.78 -19.60 -31.58
N LYS B 429 9.72 -18.55 -32.38
CA LYS B 429 10.71 -18.30 -33.43
C LYS B 429 12.07 -17.88 -32.87
N ASP B 430 12.05 -16.90 -31.96
CA ASP B 430 13.28 -16.28 -31.48
C ASP B 430 13.07 -15.75 -30.07
N PHE B 431 14.12 -15.15 -29.52
CA PHE B 431 14.06 -14.66 -28.16
C PHE B 431 13.02 -13.54 -27.96
N ALA B 432 12.84 -12.67 -28.96
CA ALA B 432 11.83 -11.61 -28.87
C ALA B 432 10.43 -12.19 -28.69
N GLU B 433 10.10 -13.19 -29.50
CA GLU B 433 8.82 -13.87 -29.42
C GLU B 433 8.69 -14.64 -28.11
N ALA B 434 9.80 -15.20 -27.63
CA ALA B 434 9.81 -15.85 -26.32
C ALA B 434 9.37 -14.91 -25.21
N LEU B 435 9.94 -13.70 -25.19
CA LEU B 435 9.53 -12.70 -24.21
C LEU B 435 8.08 -12.27 -24.37
N GLU B 436 7.65 -12.09 -25.62
CA GLU B 436 6.27 -11.73 -25.90
C GLU B 436 5.33 -12.78 -25.34
N VAL B 437 5.63 -14.05 -25.61
CA VAL B 437 4.80 -15.14 -25.11
C VAL B 437 4.88 -15.25 -23.58
N ALA B 438 6.08 -15.06 -23.02
CA ALA B 438 6.26 -15.09 -21.56
C ALA B 438 5.39 -14.05 -20.87
N ASN B 439 5.33 -12.85 -21.45
CA ASN B 439 4.60 -11.74 -20.84
C ASN B 439 3.09 -11.79 -21.02
N ASP B 440 2.63 -12.50 -22.05
CA ASP B 440 1.22 -12.51 -22.41
C ASP B 440 0.41 -13.53 -21.63
N THR B 441 0.32 -13.29 -20.32
CA THR B 441 -0.60 -13.97 -19.41
C THR B 441 -1.09 -12.90 -18.42
N PRO B 442 -2.16 -13.18 -17.68
CA PRO B 442 -2.59 -12.19 -16.67
C PRO B 442 -1.67 -12.09 -15.46
N TYR B 443 -0.65 -12.94 -15.39
CA TYR B 443 0.13 -13.10 -14.18
C TYR B 443 1.52 -12.48 -14.33
N GLY B 444 2.30 -12.52 -13.25
CA GLY B 444 3.67 -12.00 -13.30
C GLY B 444 4.45 -12.32 -12.04
N LEU B 445 4.51 -13.60 -11.68
CA LEU B 445 5.15 -14.01 -10.44
C LEU B 445 6.61 -14.43 -10.61
N THR B 446 6.82 -15.63 -11.16
CA THR B 446 8.20 -16.07 -11.42
C THR B 446 8.40 -16.34 -12.89
N GLY B 447 9.68 -16.39 -13.27
CA GLY B 447 10.08 -16.68 -14.61
C GLY B 447 11.55 -17.01 -14.62
N GLY B 448 11.97 -17.68 -15.68
CA GLY B 448 13.38 -18.00 -15.81
C GLY B 448 13.86 -17.96 -17.24
N VAL B 449 15.17 -17.80 -17.41
CA VAL B 449 15.77 -17.87 -18.73
C VAL B 449 17.03 -18.73 -18.63
N TYR B 450 17.11 -19.75 -19.49
CA TYR B 450 18.39 -20.44 -19.72
C TYR B 450 18.99 -19.94 -21.03
N SER B 451 20.18 -19.36 -20.94
CA SER B 451 20.88 -18.77 -22.10
C SER B 451 22.29 -18.41 -21.70
N ARG B 452 23.22 -18.56 -22.65
CA ARG B 452 24.58 -18.02 -22.43
C ARG B 452 24.75 -16.61 -23.02
N LYS B 453 23.75 -16.13 -23.76
CA LYS B 453 23.89 -14.85 -24.44
C LYS B 453 23.59 -13.69 -23.49
N ARG B 454 24.64 -12.92 -23.17
CA ARG B 454 24.53 -11.83 -22.18
C ARG B 454 23.41 -10.87 -22.56
N GLU B 455 23.32 -10.54 -23.84
CA GLU B 455 22.33 -9.59 -24.33
C GLU B 455 20.91 -10.07 -24.15
N HIS B 456 20.72 -11.39 -24.20
CA HIS B 456 19.39 -11.95 -23.93
C HIS B 456 19.04 -11.90 -22.44
N LEU B 457 20.00 -12.26 -21.59
CA LEU B 457 19.80 -12.21 -20.15
C LEU B 457 19.47 -10.79 -19.69
N GLU B 458 20.27 -9.83 -20.12
CA GLU B 458 20.04 -8.43 -19.70
C GLU B 458 18.75 -7.84 -20.29
N TRP B 459 18.41 -8.23 -21.51
CA TRP B 459 17.13 -7.85 -22.11
C TRP B 459 15.98 -8.38 -21.25
N ALA B 460 16.06 -9.65 -20.87
CA ALA B 460 15.07 -10.26 -19.98
C ALA B 460 15.01 -9.57 -18.60
N ARG B 461 16.19 -9.18 -18.08
CA ARG B 461 16.24 -8.44 -16.82
C ARG B 461 15.36 -7.20 -16.87
N ARG B 462 15.36 -6.52 -18.02
CA ARG B 462 14.58 -5.31 -18.25
C ARG B 462 13.12 -5.56 -18.64
N GLU B 463 12.86 -6.65 -19.36
CA GLU B 463 11.56 -6.81 -20.06
C GLU B 463 10.70 -8.06 -19.79
N PHE B 464 11.25 -9.06 -19.10
CA PHE B 464 10.49 -10.25 -18.71
C PHE B 464 9.78 -9.86 -17.41
N HIS B 465 8.49 -9.50 -17.55
CA HIS B 465 7.79 -8.76 -16.49
C HIS B 465 7.22 -9.67 -15.41
N VAL B 466 8.12 -10.13 -14.56
CA VAL B 466 7.79 -10.99 -13.43
C VAL B 466 8.53 -10.49 -12.20
N GLY B 467 7.96 -10.71 -11.01
CA GLY B 467 8.53 -10.18 -9.78
C GLY B 467 9.81 -10.89 -9.35
N ASN B 468 9.93 -12.16 -9.74
CA ASN B 468 11.04 -13.03 -9.39
C ASN B 468 11.54 -13.75 -10.63
N LEU B 469 12.68 -13.28 -11.12
CA LEU B 469 13.25 -13.76 -12.36
C LEU B 469 14.60 -14.44 -12.08
N TYR B 470 14.84 -15.57 -12.74
CA TYR B 470 16.04 -16.35 -12.45
C TYR B 470 16.74 -16.77 -13.73
N PHE B 471 18.07 -16.62 -13.76
CA PHE B 471 18.84 -17.00 -14.96
C PHE B 471 19.72 -18.21 -14.71
N ASN B 472 19.55 -19.21 -15.59
CA ASN B 472 20.35 -20.45 -15.56
C ASN B 472 20.26 -21.23 -14.25
N ARG B 473 19.06 -21.24 -13.69
CA ARG B 473 18.73 -21.99 -12.48
C ARG B 473 17.22 -22.12 -12.32
N LYS B 474 16.80 -22.98 -11.39
CA LYS B 474 15.39 -23.20 -11.12
C LYS B 474 14.68 -21.89 -10.73
N ILE B 475 13.38 -21.84 -10.99
CA ILE B 475 12.58 -20.63 -10.72
C ILE B 475 11.75 -20.74 -9.44
N THR B 476 11.95 -21.84 -8.72
CA THR B 476 11.27 -22.06 -7.47
C THR B 476 12.26 -21.90 -6.31
N GLY B 477 11.73 -21.90 -5.10
CA GLY B 477 12.56 -21.87 -3.89
C GLY B 477 13.23 -20.57 -3.54
N ALA B 478 12.56 -19.45 -3.82
CA ALA B 478 13.05 -18.13 -3.40
C ALA B 478 13.48 -18.17 -1.93
N LEU B 479 14.69 -17.71 -1.65
CA LEU B 479 15.19 -17.70 -0.27
C LEU B 479 14.91 -16.35 0.41
N VAL B 480 14.38 -16.44 1.61
CA VAL B 480 14.18 -15.28 2.48
C VAL B 480 15.45 -14.42 2.54
N GLY B 481 15.30 -13.11 2.35
CA GLY B 481 16.44 -12.21 2.43
C GLY B 481 17.16 -12.07 1.11
N VAL B 482 17.41 -13.19 0.45
CA VAL B 482 18.17 -13.22 -0.79
C VAL B 482 17.30 -12.77 -1.98
N GLN B 483 16.10 -13.31 -2.07
CA GLN B 483 15.20 -13.05 -3.20
C GLN B 483 13.85 -12.60 -2.68
N PRO B 484 13.68 -11.27 -2.48
CA PRO B 484 12.36 -10.74 -2.10
C PRO B 484 11.28 -11.36 -2.99
N PHE B 485 10.23 -11.91 -2.37
CA PHE B 485 9.28 -12.75 -3.13
C PHE B 485 7.90 -12.14 -3.30
N GLY B 486 7.47 -11.96 -4.54
CA GLY B 486 6.18 -11.33 -4.78
C GLY B 486 6.10 -10.89 -6.21
N GLY B 487 4.89 -10.76 -6.75
CA GLY B 487 4.76 -10.54 -8.18
C GLY B 487 4.09 -9.28 -8.65
N PHE B 488 3.81 -9.30 -9.95
CA PHE B 488 3.15 -8.22 -10.64
C PHE B 488 1.81 -8.67 -11.17
N LYS B 489 1.02 -7.71 -11.65
CA LYS B 489 -0.21 -8.04 -12.36
C LYS B 489 -1.15 -8.88 -11.50
N LEU B 490 -1.77 -9.91 -12.07
CA LEU B 490 -2.73 -10.68 -11.27
C LEU B 490 -2.08 -11.74 -10.35
N SER B 491 -0.75 -11.65 -10.20
CA SER B 491 -0.06 -12.42 -9.18
C SER B 491 -0.12 -11.73 -7.82
N GLY B 492 -0.72 -10.55 -7.76
CA GLY B 492 -1.00 -9.92 -6.47
C GLY B 492 -0.51 -8.50 -6.31
N THR B 493 -0.34 -8.12 -5.05
CA THR B 493 -0.07 -6.72 -4.70
C THR B 493 1.43 -6.35 -4.55
N ASN B 494 2.31 -7.27 -4.95
CA ASN B 494 3.76 -7.06 -4.85
C ASN B 494 4.22 -6.82 -3.40
N ALA B 495 3.59 -7.51 -2.46
CA ALA B 495 4.05 -7.45 -1.07
C ALA B 495 5.24 -8.41 -0.99
N LYS B 496 6.45 -7.86 -0.99
CA LYS B 496 7.66 -8.68 -1.09
C LYS B 496 8.03 -9.32 0.24
N THR B 497 7.80 -10.63 0.32
CA THR B 497 8.11 -11.37 1.55
C THR B 497 9.60 -11.60 1.65
N GLY B 498 10.08 -11.73 2.88
CA GLY B 498 11.52 -11.92 3.12
C GLY B 498 12.34 -10.73 2.66
N ALA B 499 11.74 -9.55 2.75
CA ALA B 499 12.41 -8.29 2.37
C ALA B 499 12.10 -7.24 3.42
N LEU B 500 13.01 -6.28 3.60
CA LEU B 500 12.79 -5.16 4.53
C LEU B 500 11.45 -4.48 4.32
N ASP B 501 11.10 -4.30 3.06
CA ASP B 501 9.86 -3.61 2.66
C ASP B 501 8.59 -4.27 3.15
N TYR B 502 8.63 -5.57 3.44
CA TYR B 502 7.40 -6.25 3.87
C TYR B 502 6.82 -5.59 5.11
N LEU B 503 7.68 -5.26 6.07
CA LEU B 503 7.18 -4.84 7.37
C LEU B 503 6.51 -3.47 7.30
N ARG B 504 6.93 -2.66 6.32
CA ARG B 504 6.40 -1.32 6.16
C ARG B 504 4.90 -1.36 5.87
N LEU B 505 4.46 -2.45 5.24
CA LEU B 505 3.06 -2.65 4.88
C LEU B 505 2.15 -2.71 6.10
N PHE B 506 2.75 -3.02 7.26
CA PHE B 506 1.99 -3.25 8.49
C PHE B 506 2.20 -2.14 9.50
N LEU B 507 2.63 -0.99 8.97
CA LEU B 507 2.89 0.18 9.79
C LEU B 507 2.25 1.43 9.19
N GLU B 508 1.93 2.39 10.05
CA GLU B 508 1.57 3.72 9.58
C GLU B 508 2.50 4.72 10.28
N MET B 509 2.57 5.95 9.77
CA MET B 509 3.55 6.92 10.29
C MET B 509 2.87 8.10 10.98
N LYS B 510 3.45 8.53 12.09
CA LYS B 510 3.01 9.71 12.81
C LYS B 510 4.15 10.73 12.80
N ALA B 511 3.80 12.01 12.65
CA ALA B 511 4.76 13.11 12.68
C ALA B 511 4.39 14.07 13.80
N VAL B 512 5.30 14.26 14.75
CA VAL B 512 5.03 15.08 15.93
C VAL B 512 6.06 16.20 16.06
N ALA B 513 5.56 17.44 16.02
CA ALA B 513 6.41 18.65 16.14
C ALA B 513 6.21 19.28 17.49
N GLU B 514 7.29 19.71 18.15
CA GLU B 514 7.16 20.58 19.33
C GLU B 514 7.92 21.89 19.09
N ARG B 515 7.21 23.01 19.19
CA ARG B 515 7.82 24.33 19.11
C ARG B 515 8.20 24.75 20.52
N PHE B 516 9.49 24.96 20.75
CA PHE B 516 9.96 25.26 22.11
C PHE B 516 9.76 26.70 22.54
#